data_3C6M
#
_entry.id   3C6M
#
_cell.length_a   88.262
_cell.length_b   88.262
_cell.length_c   197.668
_cell.angle_alpha   90.00
_cell.angle_beta   90.00
_cell.angle_gamma   120.00
#
_symmetry.space_group_name_H-M   'P 32'
#
loop_
_entity.id
_entity.type
_entity.pdbx_description
1 polymer 'Spermine synthase'
2 non-polymer SPERMINE
3 non-polymer "5'-DEOXY-5'-METHYLTHIOADENOSINE"
4 water water
#
_entity_poly.entity_id   1
_entity_poly.type   'polypeptide(L)'
_entity_poly.pdbx_seq_one_letter_code
;MGSSHHHHHHSSGLVPRGSRHSTLDFMLGAKADGETILKGLQSIFQEQGMAESVHTWQDHGYLATYTNKNGSFANLRIYP
HGLVLLDLQSYDGDAQGKEEIDSILNKVEERMKELSQDSTGRVKRLPPIVRGGAIDRYWPTADGRLVEYDIDEVVYDEDS
PYQNIKILHSKQFGNILILSGDVNLAESDLAYTRAIMGSGKEDYTGKDVLILGGGDGGILCEIVKLKPKMVTMVEIDQMV
IDGCKKYMRKTCGDVLDNLKGDCYQVLIEDCIPVLKRYAKEGREFDYVINDLTAVPISTSPEEDSTWEFLRLILDLSMKV
LKQDGKYFTQGNCVNLTEALSLYEEQLGRLYCPVEFSKEIVCVPSYLELWVFYTVWKKAKP
;
_entity_poly.pdbx_strand_id   A,B,C,D
#
# COMPACT_ATOMS: atom_id res chain seq x y z
N SER A 19 17.70 21.27 -2.49
CA SER A 19 16.71 20.44 -1.74
C SER A 19 17.04 18.95 -1.89
N ARG A 20 16.81 18.39 -3.07
CA ARG A 20 17.10 16.97 -3.32
C ARG A 20 18.57 16.79 -3.67
N HIS A 21 19.29 16.08 -2.81
CA HIS A 21 20.75 15.94 -2.87
C HIS A 21 21.10 14.46 -3.15
N SER A 22 21.49 14.17 -4.38
CA SER A 22 21.81 12.79 -4.81
C SER A 22 23.32 12.53 -4.72
N THR A 23 23.67 11.26 -4.57
CA THR A 23 25.05 10.84 -4.37
C THR A 23 25.36 9.60 -5.19
N LEU A 24 26.57 9.54 -5.73
CA LEU A 24 27.06 8.35 -6.42
C LEU A 24 28.55 8.13 -6.13
N ASP A 25 28.87 6.94 -5.66
CA ASP A 25 30.20 6.65 -5.15
C ASP A 25 30.86 5.51 -5.92
N PHE A 26 32.05 5.77 -6.46
CA PHE A 26 32.84 4.71 -7.08
C PHE A 26 34.11 4.47 -6.32
N MET A 27 34.28 3.22 -5.88
CA MET A 27 35.50 2.79 -5.24
C MET A 27 36.21 1.90 -6.24
N LEU A 28 37.51 2.15 -6.43
CA LEU A 28 38.26 1.47 -7.48
C LEU A 28 39.62 0.99 -6.98
N GLY A 29 40.47 0.53 -7.90
CA GLY A 29 41.83 0.06 -7.57
C GLY A 29 42.94 1.02 -7.98
N ASP A 33 43.11 5.77 -13.16
CA ASP A 33 43.75 7.07 -13.44
C ASP A 33 42.74 8.24 -13.42
N GLY A 34 43.06 9.28 -12.64
CA GLY A 34 42.15 10.41 -12.41
C GLY A 34 41.75 11.25 -13.61
N GLU A 35 42.76 11.75 -14.33
CA GLU A 35 42.54 12.62 -15.49
C GLU A 35 41.74 11.93 -16.58
N THR A 36 41.87 10.61 -16.66
CA THR A 36 41.20 9.82 -17.68
C THR A 36 39.71 9.74 -17.37
N ILE A 37 39.41 9.51 -16.09
CA ILE A 37 38.04 9.48 -15.59
C ILE A 37 37.34 10.81 -15.82
N LEU A 38 37.98 11.90 -15.37
CA LEU A 38 37.40 13.24 -15.53
C LEU A 38 37.03 13.47 -17.00
N LYS A 39 38.01 13.28 -17.87
CA LYS A 39 37.86 13.42 -19.32
C LYS A 39 36.73 12.56 -19.85
N GLY A 40 36.66 11.31 -19.39
CA GLY A 40 35.57 10.42 -19.79
C GLY A 40 34.20 10.95 -19.37
N LEU A 41 34.16 11.64 -18.24
CA LEU A 41 32.90 12.03 -17.62
C LEU A 41 32.33 13.38 -18.06
N GLN A 42 33.21 14.37 -18.28
CA GLN A 42 32.79 15.76 -18.57
C GLN A 42 31.91 15.94 -19.82
N SER A 43 31.83 14.89 -20.65
CA SER A 43 30.94 14.87 -21.81
C SER A 43 29.46 14.95 -21.43
N ILE A 44 29.02 14.09 -20.51
CA ILE A 44 27.61 13.98 -20.09
C ILE A 44 27.06 15.31 -19.59
N PHE A 45 27.86 15.98 -18.77
CA PHE A 45 27.49 17.28 -18.20
C PHE A 45 27.41 18.38 -19.27
N GLN A 46 28.48 18.47 -20.08
CA GLN A 46 28.51 19.38 -21.23
C GLN A 46 27.31 19.11 -22.14
N GLU A 47 26.95 17.83 -22.29
CA GLU A 47 25.82 17.41 -23.10
C GLU A 47 24.48 17.93 -22.55
N GLN A 48 24.52 18.48 -21.34
CA GLN A 48 23.34 19.01 -20.65
C GLN A 48 23.30 20.54 -20.66
N GLY A 49 24.37 21.15 -21.14
CA GLY A 49 24.52 22.61 -21.14
C GLY A 49 25.15 23.17 -19.88
N MET A 50 25.61 22.27 -19.00
CA MET A 50 26.21 22.66 -17.72
C MET A 50 27.63 23.22 -17.89
N ALA A 51 27.85 24.42 -17.37
CA ALA A 51 29.16 25.05 -17.42
C ALA A 51 30.05 24.34 -16.42
N GLU A 52 31.35 24.43 -16.63
CA GLU A 52 32.30 23.71 -15.80
C GLU A 52 33.45 24.59 -15.33
N SER A 53 33.79 24.44 -14.07
CA SER A 53 35.07 24.92 -13.57
C SER A 53 35.74 23.71 -12.94
N VAL A 54 37.05 23.61 -13.09
CA VAL A 54 37.82 22.53 -12.49
C VAL A 54 38.89 23.09 -11.55
N HIS A 55 39.00 22.46 -10.38
CA HIS A 55 40.06 22.79 -9.45
C HIS A 55 41.07 21.65 -9.34
N THR A 56 42.28 21.91 -9.82
CA THR A 56 43.33 20.90 -9.84
C THR A 56 44.27 21.06 -8.63
N TRP A 57 44.62 19.93 -8.06
CA TRP A 57 45.52 19.85 -6.92
C TRP A 57 46.78 19.12 -7.34
N GLN A 58 47.91 19.50 -6.77
CA GLN A 58 49.14 18.70 -6.87
C GLN A 58 48.95 17.52 -5.93
N ASP A 59 48.91 16.31 -6.50
CA ASP A 59 48.69 15.04 -5.77
C ASP A 59 47.52 15.08 -4.75
N HIS A 60 46.37 15.61 -5.18
CA HIS A 60 45.15 15.54 -4.39
C HIS A 60 43.92 15.30 -5.27
N GLY A 61 44.14 15.20 -6.58
CA GLY A 61 43.06 14.87 -7.51
C GLY A 61 42.35 16.11 -8.01
N TYR A 62 41.07 15.97 -8.32
CA TYR A 62 40.33 17.02 -9.01
C TYR A 62 38.97 17.34 -8.38
N LEU A 63 38.49 18.57 -8.61
CA LEU A 63 37.13 18.96 -8.31
C LEU A 63 36.48 19.64 -9.51
N ALA A 64 35.46 19.00 -10.08
CA ALA A 64 34.72 19.61 -11.17
C ALA A 64 33.36 20.09 -10.68
N THR A 65 32.99 21.32 -11.02
CA THR A 65 31.68 21.85 -10.67
C THR A 65 30.89 22.24 -11.92
N TYR A 66 29.66 21.73 -12.02
CA TYR A 66 28.82 21.94 -13.21
C TYR A 66 27.53 22.66 -12.84
N THR A 67 27.17 23.65 -13.62
CA THR A 67 26.01 24.48 -13.30
C THR A 67 24.99 24.47 -14.42
N ASN A 68 23.73 24.44 -14.03
CA ASN A 68 22.62 24.44 -14.95
C ASN A 68 21.78 25.67 -14.60
N LYS A 69 21.27 26.33 -15.62
CA LYS A 69 20.55 27.60 -15.42
C LYS A 69 19.24 27.38 -14.66
N ASN A 70 18.75 26.14 -14.65
CA ASN A 70 17.55 25.77 -13.88
C ASN A 70 17.79 25.77 -12.38
N GLY A 71 19.05 25.96 -11.97
CA GLY A 71 19.40 26.12 -10.57
C GLY A 71 20.11 24.94 -9.93
N SER A 72 20.17 23.81 -10.64
CA SER A 72 20.87 22.63 -10.14
C SER A 72 22.37 22.71 -10.39
N PHE A 73 23.14 21.91 -9.65
CA PHE A 73 24.58 21.82 -9.81
C PHE A 73 25.10 20.42 -9.46
N ALA A 74 26.35 20.15 -9.82
CA ALA A 74 26.98 18.86 -9.54
C ALA A 74 28.42 19.03 -9.07
N ASN A 75 28.80 18.25 -8.07
CA ASN A 75 30.21 18.15 -7.65
C ASN A 75 30.79 16.79 -8.05
N LEU A 76 31.92 16.83 -8.76
CA LEU A 76 32.61 15.61 -9.16
C LEU A 76 34.01 15.66 -8.56
N ARG A 77 34.16 14.92 -7.47
CA ARG A 77 35.40 14.86 -6.72
C ARG A 77 36.13 13.58 -7.11
N ILE A 78 37.39 13.73 -7.49
CA ILE A 78 38.21 12.59 -7.89
C ILE A 78 39.47 12.54 -7.04
N TYR A 79 39.56 11.52 -6.18
CA TYR A 79 40.75 11.26 -5.40
C TYR A 79 41.74 10.43 -6.23
N PRO A 80 43.06 10.62 -6.02
CA PRO A 80 44.10 9.96 -6.83
C PRO A 80 44.29 8.47 -6.54
N HIS A 81 43.53 7.93 -5.59
CA HIS A 81 43.62 6.50 -5.28
C HIS A 81 42.35 5.72 -5.62
N GLY A 82 41.64 6.20 -6.64
CA GLY A 82 40.42 5.53 -7.08
C GLY A 82 39.27 5.66 -6.10
N LEU A 83 38.96 6.91 -5.78
CA LEU A 83 37.71 7.23 -5.14
C LEU A 83 37.08 8.37 -5.93
N VAL A 84 35.93 8.07 -6.54
CA VAL A 84 35.19 9.01 -7.36
C VAL A 84 33.83 9.27 -6.70
N LEU A 85 33.63 10.50 -6.27
CA LEU A 85 32.43 10.89 -5.54
C LEU A 85 31.67 11.94 -6.31
N LEU A 86 30.37 11.71 -6.47
CA LEU A 86 29.53 12.60 -7.20
C LEU A 86 28.36 13.11 -6.35
N ASP A 87 28.09 14.41 -6.42
CA ASP A 87 26.92 15.04 -5.78
C ASP A 87 26.06 15.83 -6.77
N LEU A 88 24.75 15.84 -6.52
CA LEU A 88 23.80 16.64 -7.31
C LEU A 88 22.62 17.18 -6.50
N GLN A 89 22.22 18.41 -6.81
CA GLN A 89 20.98 19.05 -6.35
C GLN A 89 20.87 20.28 -7.20
N SER A 90 19.71 20.75 -7.66
CA SER A 90 18.39 20.13 -7.79
C SER A 90 17.33 20.55 -6.78
N TYR A 91 16.40 21.39 -7.23
CA TYR A 91 15.18 21.64 -6.48
C TYR A 91 14.35 20.33 -6.46
N ASP A 102 19.87 12.06 -12.14
CA ASP A 102 18.99 10.88 -12.18
C ASP A 102 19.31 10.06 -13.44
N SER A 103 18.87 10.55 -14.60
CA SER A 103 19.37 10.06 -15.86
C SER A 103 20.86 10.34 -15.92
N ILE A 104 21.25 11.47 -15.34
CA ILE A 104 22.63 11.85 -15.26
C ILE A 104 23.39 10.77 -14.51
N LEU A 105 22.88 10.38 -13.35
CA LEU A 105 23.50 9.36 -12.51
C LEU A 105 23.56 8.01 -13.22
N ASN A 106 22.46 7.64 -13.87
CA ASN A 106 22.45 6.45 -14.72
C ASN A 106 23.53 6.53 -15.78
N LYS A 107 23.59 7.66 -16.48
CA LYS A 107 24.55 7.88 -17.57
C LYS A 107 25.99 7.83 -17.11
N VAL A 108 26.22 8.12 -15.82
CA VAL A 108 27.56 8.05 -15.23
C VAL A 108 27.97 6.60 -15.00
N GLU A 109 27.11 5.84 -14.32
CA GLU A 109 27.34 4.43 -14.05
C GLU A 109 27.68 3.62 -15.32
N GLU A 110 27.02 3.95 -16.43
CA GLU A 110 27.23 3.30 -17.72
C GLU A 110 28.65 3.55 -18.23
N ARG A 111 29.07 4.80 -18.22
CA ARG A 111 30.40 5.19 -18.71
C ARG A 111 31.47 4.62 -17.80
N MET A 112 31.22 4.63 -16.49
CA MET A 112 32.21 4.13 -15.52
C MET A 112 32.58 2.66 -15.69
N LYS A 113 31.59 1.85 -16.08
CA LYS A 113 31.82 0.45 -16.39
C LYS A 113 32.88 0.27 -17.49
N GLU A 114 32.82 1.10 -18.53
CA GLU A 114 33.81 1.10 -19.61
C GLU A 114 35.21 1.42 -19.10
N LEU A 115 35.29 2.38 -18.19
CA LEU A 115 36.57 2.96 -17.78
C LEU A 115 37.41 2.18 -16.75
N SER A 116 36.95 0.99 -16.35
CA SER A 116 37.83 0.07 -15.61
C SER A 116 37.97 -1.25 -16.37
N VAL A 123 30.27 0.20 -6.28
CA VAL A 123 29.43 1.36 -6.57
C VAL A 123 28.35 1.52 -5.50
N LYS A 124 28.23 2.73 -4.96
CA LYS A 124 27.26 3.06 -3.92
C LYS A 124 26.42 4.25 -4.33
N ARG A 125 25.13 4.00 -4.46
CA ARG A 125 24.20 5.02 -4.87
C ARG A 125 23.10 5.03 -3.82
N LEU A 126 23.38 5.67 -2.68
CA LEU A 126 22.41 5.78 -1.58
C LEU A 126 21.18 6.63 -1.97
N PRO A 127 20.01 6.42 -1.29
CA PRO A 127 18.85 7.28 -1.59
C PRO A 127 19.24 8.71 -1.30
N PRO A 128 18.91 9.64 -2.22
CA PRO A 128 19.11 11.05 -2.04
C PRO A 128 18.47 11.51 -0.74
N ILE A 129 19.16 12.43 -0.07
CA ILE A 129 18.64 13.06 1.15
C ILE A 129 17.92 14.35 0.75
N VAL A 130 16.71 14.52 1.27
CA VAL A 130 15.93 15.74 1.03
C VAL A 130 16.41 16.72 2.06
N ARG A 131 16.85 17.88 1.61
CA ARG A 131 17.42 18.84 2.54
C ARG A 131 16.52 20.04 2.64
N GLY A 132 16.27 20.47 3.86
CA GLY A 132 15.31 21.55 4.14
C GLY A 132 13.89 21.32 3.64
N GLY A 133 13.43 20.07 3.64
CA GLY A 133 12.03 19.76 3.31
C GLY A 133 11.04 20.33 4.31
N ALA A 134 9.82 20.64 3.86
CA ALA A 134 8.74 21.03 4.79
C ALA A 134 8.42 19.92 5.81
N ILE A 135 8.49 18.67 5.37
CA ILE A 135 8.34 17.50 6.23
C ILE A 135 9.72 16.84 6.49
N ASP A 136 10.13 16.85 7.76
CA ASP A 136 11.48 16.43 8.12
C ASP A 136 11.43 14.95 8.47
N ARG A 137 12.25 14.15 7.80
CA ARG A 137 12.13 12.69 7.87
C ARG A 137 13.31 12.06 8.60
N TYR A 138 14.34 12.84 8.87
CA TYR A 138 15.61 12.34 9.37
C TYR A 138 15.70 12.58 10.86
N TRP A 139 15.59 11.51 11.63
CA TRP A 139 15.68 11.58 13.08
C TRP A 139 16.71 10.60 13.62
N PRO A 140 17.98 11.08 13.72
CA PRO A 140 19.12 10.29 14.20
C PRO A 140 18.90 9.58 15.54
N THR A 141 19.55 8.42 15.66
CA THR A 141 19.47 7.51 16.79
C THR A 141 20.19 8.09 17.99
N ALA A 142 19.96 7.56 19.20
CA ALA A 142 20.71 8.05 20.36
C ALA A 142 22.21 7.89 20.16
N ASP A 143 22.64 6.76 19.57
CA ASP A 143 24.09 6.55 19.36
C ASP A 143 24.69 7.31 18.17
N GLY A 144 23.84 8.10 17.49
CA GLY A 144 24.32 9.02 16.46
C GLY A 144 24.31 8.54 15.02
N ARG A 145 23.44 7.58 14.70
CA ARG A 145 23.29 7.13 13.31
C ARG A 145 22.14 7.84 12.56
N LEU A 146 22.36 8.09 11.29
CA LEU A 146 21.41 8.74 10.44
C LEU A 146 20.37 7.72 9.99
N VAL A 147 19.16 7.83 10.52
CA VAL A 147 18.07 7.05 9.96
C VAL A 147 16.99 7.95 9.40
N GLU A 148 16.39 7.49 8.29
CA GLU A 148 15.28 8.17 7.64
C GLU A 148 14.00 7.46 8.02
N TYR A 149 13.01 8.23 8.47
CA TYR A 149 11.66 7.70 8.69
C TYR A 149 10.68 7.92 7.51
N ASP A 150 9.65 7.09 7.43
CA ASP A 150 8.60 7.18 6.41
C ASP A 150 7.54 8.20 6.84
N ILE A 151 7.96 9.43 7.11
CA ILE A 151 7.09 10.48 7.62
C ILE A 151 6.51 11.17 6.43
N ASP A 152 5.20 11.44 6.46
CA ASP A 152 4.52 12.09 5.32
C ASP A 152 3.60 13.23 5.75
N GLU A 153 3.66 13.61 7.02
CA GLU A 153 2.86 14.75 7.51
C GLU A 153 3.37 15.27 8.82
N VAL A 154 3.41 16.59 8.93
CA VAL A 154 3.58 17.26 10.18
C VAL A 154 2.23 17.47 10.83
N VAL A 155 1.98 16.67 11.87
CA VAL A 155 0.67 16.69 12.53
C VAL A 155 0.58 17.84 13.51
N TYR A 156 1.64 18.04 14.29
CA TYR A 156 1.68 19.07 15.29
C TYR A 156 3.14 19.39 15.54
N ASP A 157 3.45 20.68 15.65
CA ASP A 157 4.81 21.15 15.92
C ASP A 157 4.70 22.47 16.63
N GLU A 158 4.92 22.48 17.94
CA GLU A 158 4.88 23.71 18.73
C GLU A 158 5.96 23.66 19.79
N ASP A 159 6.44 24.82 20.22
CA ASP A 159 7.28 24.90 21.40
C ASP A 159 6.45 25.13 22.66
N SER A 160 6.62 24.29 23.67
CA SER A 160 6.02 24.62 24.97
C SER A 160 7.03 25.52 25.74
N PRO A 161 6.71 25.94 26.99
CA PRO A 161 7.75 26.60 27.77
C PRO A 161 8.93 25.66 28.07
N TYR A 162 8.66 24.35 28.08
CA TYR A 162 9.70 23.38 28.43
C TYR A 162 10.49 22.75 27.28
N GLN A 163 9.80 22.45 26.17
CA GLN A 163 10.44 21.75 25.05
C GLN A 163 9.67 22.01 23.77
N ASN A 164 10.32 21.70 22.66
CA ASN A 164 9.64 21.57 21.39
C ASN A 164 8.95 20.20 21.28
N ILE A 165 7.71 20.22 20.82
CA ILE A 165 6.87 19.03 20.80
C ILE A 165 6.48 18.82 19.35
N LYS A 166 6.92 17.69 18.76
CA LYS A 166 6.51 17.31 17.40
C LYS A 166 5.67 16.04 17.44
N ILE A 167 4.63 16.03 16.62
CA ILE A 167 3.90 14.83 16.28
C ILE A 167 3.90 14.70 14.73
N LEU A 168 4.60 13.68 14.25
CA LEU A 168 4.80 13.44 12.82
C LEU A 168 4.24 12.08 12.44
N HIS A 169 3.66 12.00 11.27
CA HIS A 169 3.00 10.76 10.89
C HIS A 169 3.92 9.86 10.09
N SER A 170 4.04 8.61 10.53
CA SER A 170 4.76 7.58 9.81
C SER A 170 3.72 6.61 9.24
N LYS A 171 3.88 6.22 7.98
CA LYS A 171 3.02 5.22 7.34
C LYS A 171 2.94 3.93 8.11
N GLN A 172 4.07 3.42 8.60
CA GLN A 172 4.09 2.13 9.32
C GLN A 172 4.01 2.26 10.85
N PHE A 173 4.54 3.36 11.41
CA PHE A 173 4.49 3.46 12.87
C PHE A 173 3.25 4.18 13.44
N GLY A 174 2.50 4.84 12.56
CA GLY A 174 1.48 5.78 13.01
C GLY A 174 2.12 7.10 13.43
N ASN A 175 1.38 7.91 14.19
CA ASN A 175 1.95 9.12 14.73
C ASN A 175 3.11 8.82 15.74
N ILE A 176 4.20 9.57 15.60
CA ILE A 176 5.39 9.51 16.48
C ILE A 176 5.55 10.82 17.26
N LEU A 177 5.64 10.71 18.57
CA LEU A 177 5.90 11.87 19.42
C LEU A 177 7.41 12.10 19.50
N ILE A 178 7.86 13.30 19.16
CA ILE A 178 9.26 13.66 19.19
C ILE A 178 9.49 14.92 20.04
N LEU A 179 10.27 14.76 21.11
CA LEU A 179 10.47 15.82 22.06
C LEU A 179 11.92 16.32 21.97
N SER A 180 12.08 17.58 21.58
CA SER A 180 13.42 18.14 21.36
C SER A 180 14.21 17.19 20.46
N GLY A 181 13.69 16.91 19.26
CA GLY A 181 14.31 15.98 18.31
C GLY A 181 14.65 14.57 18.83
N ASP A 182 14.05 14.15 19.95
CA ASP A 182 14.30 12.78 20.42
C ASP A 182 12.99 12.01 20.25
N VAL A 183 13.04 10.94 19.47
CA VAL A 183 11.88 10.09 19.25
C VAL A 183 11.49 9.40 20.58
N ASN A 184 10.33 9.79 21.11
CA ASN A 184 9.83 9.30 22.41
C ASN A 184 8.91 8.09 22.31
N LEU A 185 7.96 8.12 21.38
CA LEU A 185 7.02 7.02 21.30
C LEU A 185 6.17 7.15 20.07
N ALA A 186 5.82 6.02 19.50
CA ALA A 186 4.94 5.97 18.35
C ALA A 186 3.72 5.14 18.70
N GLU A 187 2.63 5.42 18.01
CA GLU A 187 1.41 4.62 18.12
C GLU A 187 1.67 3.11 17.99
N SER A 188 2.72 2.73 17.26
CA SER A 188 3.11 1.32 17.19
C SER A 188 3.88 0.79 18.40
N ASP A 189 4.27 1.65 19.34
CA ASP A 189 5.24 1.23 20.34
C ASP A 189 4.69 0.70 21.64
N LEU A 190 3.72 -0.20 21.53
CA LEU A 190 3.19 -0.91 22.69
C LEU A 190 4.30 -1.67 23.46
N ALA A 191 5.30 -2.19 22.76
CA ALA A 191 6.41 -2.89 23.42
C ALA A 191 7.14 -2.04 24.48
N TYR A 192 7.28 -0.74 24.23
CA TYR A 192 7.96 0.12 25.17
C TYR A 192 7.18 0.12 26.49
N THR A 193 5.89 0.37 26.36
CA THR A 193 4.97 0.39 27.47
C THR A 193 4.89 -0.95 28.20
N ARG A 194 4.83 -2.06 27.47
CA ARG A 194 4.87 -3.37 28.15
C ARG A 194 6.15 -3.56 28.95
N ALA A 195 7.29 -3.18 28.38
CA ALA A 195 8.58 -3.33 29.04
C ALA A 195 8.71 -2.46 30.28
N ILE A 196 8.27 -1.21 30.20
CA ILE A 196 8.42 -0.28 31.32
C ILE A 196 7.42 -0.60 32.46
N MET A 197 6.49 -1.52 32.18
CA MET A 197 5.59 -2.01 33.22
C MET A 197 6.03 -3.39 33.77
N GLY A 198 7.26 -3.80 33.46
CA GLY A 198 7.80 -5.08 33.96
C GLY A 198 7.56 -6.34 33.13
N SER A 199 7.20 -6.17 31.85
CA SER A 199 7.03 -7.28 30.89
C SER A 199 6.05 -8.36 31.30
N GLY A 200 4.95 -8.00 31.95
CA GLY A 200 3.91 -8.97 32.28
C GLY A 200 4.17 -9.82 33.53
N LYS A 201 5.26 -9.52 34.23
CA LYS A 201 5.66 -10.21 35.48
C LYS A 201 4.94 -9.66 36.71
N GLU A 202 4.49 -8.41 36.63
CA GLU A 202 3.87 -7.72 37.76
C GLU A 202 2.34 -7.85 37.80
N ASP A 203 1.76 -7.88 39.00
CA ASP A 203 0.31 -7.90 39.16
C ASP A 203 -0.11 -6.56 39.76
N TYR A 204 -0.89 -5.77 39.01
CA TYR A 204 -1.13 -4.36 39.38
C TYR A 204 -2.38 -4.14 40.19
N THR A 205 -3.18 -5.19 40.32
CA THR A 205 -4.47 -5.12 41.03
C THR A 205 -4.25 -4.57 42.43
N GLY A 206 -5.08 -3.59 42.80
CA GLY A 206 -5.09 -3.07 44.16
C GLY A 206 -3.81 -2.36 44.52
N LYS A 207 -2.93 -2.16 43.54
CA LYS A 207 -1.65 -1.53 43.81
C LYS A 207 -1.67 -0.02 43.64
N ASP A 208 -0.71 0.64 44.30
CA ASP A 208 -0.52 2.09 44.32
C ASP A 208 0.68 2.44 43.45
N VAL A 209 0.43 3.21 42.40
CA VAL A 209 1.47 3.45 41.41
C VAL A 209 1.73 4.93 41.20
N LEU A 210 3.01 5.27 41.18
CA LEU A 210 3.47 6.59 40.76
C LEU A 210 4.12 6.51 39.36
N ILE A 211 3.76 7.46 38.49
CA ILE A 211 4.43 7.62 37.21
C ILE A 211 5.03 9.00 37.11
N LEU A 212 6.28 9.05 36.66
CA LEU A 212 6.97 10.30 36.38
C LEU A 212 7.01 10.53 34.86
N GLY A 213 6.53 11.70 34.40
CA GLY A 213 6.39 11.99 32.98
C GLY A 213 5.10 11.33 32.55
N GLY A 214 5.16 10.58 31.45
CA GLY A 214 3.99 9.79 31.04
C GLY A 214 3.02 10.55 30.18
N GLY A 215 3.47 11.68 29.65
CA GLY A 215 2.60 12.57 28.92
C GLY A 215 1.92 12.03 27.67
N ASP A 216 2.47 10.98 27.07
CA ASP A 216 1.87 10.39 25.87
C ASP A 216 0.65 9.59 26.24
N GLY A 217 0.52 9.27 27.53
CA GLY A 217 -0.62 8.51 28.09
C GLY A 217 -0.61 7.01 27.90
N GLY A 218 0.51 6.50 27.41
CA GLY A 218 0.60 5.04 27.13
C GLY A 218 0.48 4.14 28.33
N ILE A 219 1.35 4.34 29.32
CA ILE A 219 1.35 3.53 30.56
C ILE A 219 0.02 3.76 31.28
N LEU A 220 -0.37 5.03 31.39
CA LEU A 220 -1.61 5.39 32.07
C LEU A 220 -2.79 4.62 31.51
N CYS A 221 -2.91 4.57 30.19
CA CYS A 221 -4.03 3.90 29.54
C CYS A 221 -3.98 2.41 29.83
N GLU A 222 -2.79 1.82 29.76
CA GLU A 222 -2.65 0.39 30.03
C GLU A 222 -2.78 0.03 31.53
N ILE A 223 -2.22 0.82 32.45
CA ILE A 223 -2.33 0.45 33.89
C ILE A 223 -3.78 0.52 34.40
N VAL A 224 -4.48 1.58 34.03
CA VAL A 224 -5.87 1.77 34.44
C VAL A 224 -6.73 0.54 34.05
N LYS A 225 -6.29 -0.22 33.05
CA LYS A 225 -7.05 -1.40 32.60
C LYS A 225 -7.01 -2.53 33.62
N LEU A 226 -6.06 -2.44 34.55
CA LEU A 226 -5.64 -3.59 35.36
C LEU A 226 -6.08 -3.46 36.80
N LYS A 227 -7.24 -2.82 36.97
CA LYS A 227 -7.89 -2.61 38.27
C LYS A 227 -6.92 -2.19 39.39
N PRO A 228 -6.13 -1.13 39.15
CA PRO A 228 -5.23 -0.69 40.24
C PRO A 228 -6.01 0.07 41.30
N LYS A 229 -5.41 0.26 42.47
CA LYS A 229 -6.02 1.11 43.50
C LYS A 229 -5.88 2.60 43.15
N MET A 230 -4.66 3.06 42.90
CA MET A 230 -4.46 4.44 42.53
C MET A 230 -3.19 4.61 41.71
N VAL A 231 -3.37 5.17 40.52
CA VAL A 231 -2.23 5.55 39.70
C VAL A 231 -2.13 7.06 39.76
N THR A 232 -0.92 7.57 40.04
CA THR A 232 -0.67 9.01 40.03
C THR A 232 0.41 9.30 39.01
N MET A 233 0.14 10.21 38.08
CA MET A 233 1.09 10.53 37.04
C MET A 233 1.44 12.00 37.11
N VAL A 234 2.75 12.26 37.16
CA VAL A 234 3.22 13.62 37.35
C VAL A 234 3.99 14.08 36.13
N GLU A 235 3.28 14.82 35.26
CA GLU A 235 3.78 15.31 34.00
C GLU A 235 3.89 16.82 34.12
N ILE A 236 5.03 17.38 33.76
CA ILE A 236 5.26 18.83 33.86
C ILE A 236 4.66 19.67 32.71
N ASP A 237 4.61 19.09 31.53
CA ASP A 237 4.20 19.82 30.34
C ASP A 237 2.79 19.43 29.91
N GLN A 238 1.82 20.23 30.30
CA GLN A 238 0.43 20.02 29.91
C GLN A 238 0.28 19.88 28.37
N MET A 239 1.10 20.63 27.64
CA MET A 239 0.99 20.66 26.18
C MET A 239 1.26 19.30 25.52
N VAL A 240 2.06 18.45 26.18
CA VAL A 240 2.32 17.11 25.67
C VAL A 240 1.05 16.24 25.83
N ILE A 241 0.40 16.37 26.98
CA ILE A 241 -0.87 15.69 27.19
C ILE A 241 -1.87 16.13 26.11
N ASP A 242 -1.93 17.43 25.82
CA ASP A 242 -3.00 17.95 24.95
C ASP A 242 -2.78 17.65 23.47
N GLY A 243 -1.53 17.47 23.06
CA GLY A 243 -1.21 17.01 21.70
C GLY A 243 -1.48 15.51 21.59
N CYS A 244 -1.11 14.77 22.62
CA CYS A 244 -1.31 13.34 22.58
C CYS A 244 -2.79 12.93 22.61
N LYS A 245 -3.54 13.56 23.52
CA LYS A 245 -4.99 13.54 23.61
C LYS A 245 -5.65 13.60 22.23
N LYS A 246 -5.11 14.47 21.38
CA LYS A 246 -5.66 14.60 20.06
C LYS A 246 -5.06 13.60 19.07
N TYR A 247 -3.77 13.35 19.15
CA TYR A 247 -3.06 12.79 18.00
C TYR A 247 -2.45 11.44 18.20
N MET A 248 -2.46 10.93 19.42
CA MET A 248 -1.87 9.62 19.67
C MET A 248 -2.87 8.69 20.40
N ARG A 249 -4.13 8.65 19.94
CA ARG A 249 -5.18 7.88 20.67
C ARG A 249 -4.99 6.37 20.63
N LYS A 250 -4.17 5.91 19.69
CA LYS A 250 -3.85 4.49 19.63
C LYS A 250 -2.98 4.14 20.83
N THR A 251 -2.12 5.08 21.24
CA THR A 251 -1.36 4.85 22.45
C THR A 251 -2.10 5.21 23.73
N CYS A 252 -2.79 6.36 23.75
CA CYS A 252 -3.46 6.79 24.97
C CYS A 252 -4.96 6.46 25.14
N GLY A 253 -5.65 6.00 24.09
CA GLY A 253 -7.11 5.80 24.15
C GLY A 253 -7.84 7.07 24.57
N ASP A 254 -8.81 6.94 25.49
CA ASP A 254 -9.57 8.08 25.97
C ASP A 254 -9.15 8.51 27.35
N VAL A 255 -8.02 7.97 27.82
CA VAL A 255 -7.62 8.16 29.23
C VAL A 255 -7.15 9.58 29.53
N LEU A 256 -6.78 10.32 28.51
CA LEU A 256 -6.24 11.64 28.71
C LEU A 256 -7.36 12.64 28.49
N ASP A 257 -8.58 12.13 28.33
CA ASP A 257 -9.78 12.96 28.23
C ASP A 257 -10.23 13.48 29.58
N ASN A 258 -9.82 12.79 30.64
CA ASN A 258 -10.09 13.21 32.00
C ASN A 258 -8.80 12.99 32.75
N LEU A 259 -8.50 13.92 33.63
CA LEU A 259 -7.25 13.96 34.35
C LEU A 259 -7.43 13.31 35.72
N LYS A 260 -8.69 13.10 36.08
CA LYS A 260 -9.05 12.26 37.22
C LYS A 260 -10.00 11.16 36.76
N GLY A 261 -9.80 9.98 37.33
CA GLY A 261 -10.71 8.86 37.14
C GLY A 261 -10.88 8.16 38.46
N ASP A 262 -11.80 7.20 38.51
CA ASP A 262 -11.98 6.34 39.67
C ASP A 262 -10.68 5.79 40.27
N CYS A 263 -9.68 5.49 39.43
CA CYS A 263 -8.46 4.89 39.97
C CYS A 263 -7.16 5.62 39.60
N TYR A 264 -7.27 6.85 39.09
CA TYR A 264 -6.08 7.62 38.74
C TYR A 264 -6.25 9.12 38.86
N GLN A 265 -5.12 9.83 38.78
CA GLN A 265 -5.11 11.29 38.79
C GLN A 265 -3.87 11.77 38.08
N VAL A 266 -4.00 12.88 37.35
CA VAL A 266 -2.83 13.49 36.74
C VAL A 266 -2.51 14.81 37.44
N LEU A 267 -1.23 15.05 37.74
CA LEU A 267 -0.79 16.32 38.28
C LEU A 267 0.09 16.98 37.25
N ILE A 268 -0.21 18.23 36.94
CA ILE A 268 0.54 18.94 35.93
C ILE A 268 1.57 19.77 36.66
N GLU A 269 2.64 19.11 37.08
CA GLU A 269 3.79 19.84 37.62
C GLU A 269 5.08 19.02 37.51
N ASP A 270 6.20 19.69 37.79
CA ASP A 270 7.51 19.07 37.89
C ASP A 270 7.43 17.94 38.92
N CYS A 271 7.90 16.76 38.56
CA CYS A 271 7.88 15.63 39.49
C CYS A 271 8.80 15.87 40.70
N ILE A 272 9.83 16.69 40.55
CA ILE A 272 10.73 16.99 41.67
C ILE A 272 10.02 17.48 42.96
N PRO A 273 9.46 18.71 42.96
CA PRO A 273 8.74 19.18 44.16
C PRO A 273 7.71 18.19 44.66
N VAL A 274 7.10 17.45 43.72
CA VAL A 274 6.10 16.43 44.02
C VAL A 274 6.72 15.24 44.74
N LEU A 275 7.87 14.79 44.26
CA LEU A 275 8.60 13.72 44.92
C LEU A 275 8.99 14.13 46.34
N LYS A 276 9.56 15.33 46.51
CA LYS A 276 9.94 15.85 47.84
C LYS A 276 8.75 15.89 48.81
N ARG A 277 7.64 16.44 48.33
CA ARG A 277 6.41 16.53 49.10
C ARG A 277 5.93 15.16 49.55
N TYR A 278 6.01 14.16 48.68
CA TYR A 278 5.56 12.83 49.04
C TYR A 278 6.46 12.20 50.12
N ALA A 279 7.76 12.49 50.07
CA ALA A 279 8.71 12.04 51.11
C ALA A 279 8.34 12.64 52.47
N LYS A 280 8.09 13.96 52.47
CA LYS A 280 7.74 14.73 53.66
C LYS A 280 6.49 14.14 54.35
N GLU A 281 5.47 13.81 53.55
CA GLU A 281 4.23 13.19 54.02
C GLU A 281 4.39 11.69 54.35
N GLY A 282 5.59 11.14 54.11
CA GLY A 282 5.83 9.71 54.25
C GLY A 282 5.01 8.80 53.33
N ARG A 283 4.63 9.30 52.15
CA ARG A 283 3.90 8.50 51.16
C ARG A 283 4.86 7.52 50.46
N GLU A 284 4.40 6.29 50.29
CA GLU A 284 5.21 5.21 49.71
C GLU A 284 4.37 4.45 48.68
N PHE A 285 5.03 3.96 47.63
CA PHE A 285 4.29 3.35 46.53
C PHE A 285 4.72 1.92 46.26
N ASP A 286 3.77 1.10 45.82
CA ASP A 286 4.12 -0.24 45.29
C ASP A 286 5.13 -0.20 44.11
N TYR A 287 4.88 0.68 43.14
CA TYR A 287 5.71 0.83 41.96
C TYR A 287 5.98 2.31 41.66
N VAL A 288 7.19 2.64 41.25
CA VAL A 288 7.46 3.97 40.68
C VAL A 288 7.99 3.80 39.26
N ILE A 289 7.27 4.37 38.29
CA ILE A 289 7.68 4.27 36.87
C ILE A 289 8.22 5.61 36.36
N ASN A 290 9.50 5.61 36.05
CA ASN A 290 10.14 6.82 35.60
C ASN A 290 10.05 6.80 34.09
N ASP A 291 9.07 7.52 33.57
CA ASP A 291 8.87 7.61 32.13
C ASP A 291 9.27 8.99 31.67
N LEU A 292 10.44 9.44 32.08
CA LEU A 292 10.83 10.80 31.76
C LEU A 292 11.43 10.85 30.35
N THR A 293 11.51 12.04 29.79
CA THR A 293 12.42 12.31 28.70
C THR A 293 13.83 11.86 29.08
N ALA A 294 14.65 11.53 28.08
CA ALA A 294 16.07 11.16 28.30
C ALA A 294 16.78 12.20 29.16
N VAL A 295 16.65 13.47 28.78
CA VAL A 295 17.18 14.58 29.57
C VAL A 295 15.98 15.16 30.32
N PRO A 296 15.80 14.74 31.58
CA PRO A 296 14.67 15.27 32.34
C PRO A 296 14.67 16.79 32.38
N ILE A 297 13.48 17.38 32.58
CA ILE A 297 13.33 18.83 32.48
C ILE A 297 13.58 19.52 33.82
N SER A 298 14.36 20.59 33.77
CA SER A 298 14.69 21.34 34.98
C SER A 298 14.39 22.81 34.86
N THR A 299 13.87 23.37 35.93
CA THR A 299 13.77 24.83 36.07
C THR A 299 14.88 25.35 37.00
N THR A 306 24.34 16.93 34.96
CA THR A 306 23.65 15.81 34.31
C THR A 306 23.41 14.64 35.27
N TRP A 307 24.48 13.93 35.59
CA TRP A 307 24.43 12.68 36.37
C TRP A 307 23.94 12.88 37.81
N GLU A 308 24.28 14.02 38.41
CA GLU A 308 23.74 14.39 39.72
C GLU A 308 22.20 14.56 39.71
N PHE A 309 21.66 15.18 38.66
CA PHE A 309 20.21 15.22 38.45
C PHE A 309 19.57 13.84 38.37
N LEU A 310 20.09 12.96 37.51
CA LEU A 310 19.53 11.61 37.42
C LEU A 310 19.57 10.93 38.79
N ARG A 311 20.70 11.08 39.47
CA ARG A 311 20.86 10.61 40.84
C ARG A 311 19.78 11.18 41.77
N LEU A 312 19.58 12.49 41.72
CA LEU A 312 18.54 13.10 42.54
C LEU A 312 17.16 12.41 42.37
N ILE A 313 16.78 12.14 41.11
CA ILE A 313 15.48 11.52 40.77
C ILE A 313 15.42 10.11 41.33
N LEU A 314 16.54 9.41 41.23
CA LEU A 314 16.64 8.06 41.78
C LEU A 314 16.51 8.12 43.30
N ASP A 315 17.23 9.04 43.92
CA ASP A 315 17.13 9.24 45.35
C ASP A 315 15.70 9.51 45.79
N LEU A 316 15.02 10.43 45.13
CA LEU A 316 13.69 10.85 45.58
C LEU A 316 12.66 9.74 45.32
N SER A 317 12.82 9.02 44.21
CA SER A 317 11.92 7.90 43.91
C SER A 317 12.10 6.78 44.93
N MET A 318 13.36 6.51 45.29
CA MET A 318 13.66 5.52 46.32
C MET A 318 13.02 5.86 47.67
N LYS A 319 13.10 7.13 48.09
CA LYS A 319 12.40 7.56 49.32
C LYS A 319 10.90 7.27 49.31
N VAL A 320 10.24 7.39 48.15
CA VAL A 320 8.80 7.12 48.05
C VAL A 320 8.47 5.69 47.59
N LEU A 321 9.51 4.85 47.51
CA LEU A 321 9.33 3.44 47.18
C LEU A 321 9.22 2.54 48.41
N LYS A 322 8.12 1.81 48.51
CA LYS A 322 7.96 0.76 49.51
C LYS A 322 9.18 -0.17 49.53
N GLN A 323 9.56 -0.65 50.71
CA GLN A 323 10.71 -1.57 50.82
C GLN A 323 10.67 -2.75 49.81
N ASP A 324 9.50 -3.39 49.67
CA ASP A 324 9.31 -4.54 48.77
C ASP A 324 8.80 -4.17 47.37
N GLY A 325 8.90 -2.88 47.04
CA GLY A 325 8.41 -2.40 45.76
C GLY A 325 9.42 -2.58 44.63
N LYS A 326 9.11 -1.95 43.50
CA LYS A 326 9.96 -1.95 42.32
C LYS A 326 9.88 -0.59 41.64
N TYR A 327 10.99 -0.19 41.06
CA TYR A 327 11.06 0.99 40.22
C TYR A 327 11.48 0.54 38.83
N PHE A 328 10.71 0.96 37.82
CA PHE A 328 11.03 0.65 36.41
C PHE A 328 11.40 1.94 35.72
N THR A 329 12.22 1.88 34.69
CA THR A 329 12.52 3.05 33.90
C THR A 329 13.11 2.58 32.60
N GLN A 330 13.13 3.47 31.61
CA GLN A 330 13.93 3.27 30.39
C GLN A 330 15.38 3.72 30.69
N GLY A 331 16.33 2.97 30.16
CA GLY A 331 17.72 3.33 30.35
C GLY A 331 18.23 4.11 29.17
N ASN A 332 18.61 3.39 28.11
CA ASN A 332 19.21 4.00 26.91
C ASN A 332 19.33 2.93 25.85
N CYS A 333 19.78 3.31 24.66
CA CYS A 333 20.06 2.31 23.64
C CYS A 333 21.25 1.44 24.02
N VAL A 334 21.18 0.16 23.64
CA VAL A 334 22.21 -0.80 23.99
C VAL A 334 23.62 -0.33 23.58
N ASN A 335 23.72 0.45 22.52
CA ASN A 335 25.03 0.90 22.04
C ASN A 335 25.73 1.93 22.94
N LEU A 336 24.98 2.76 23.64
CA LEU A 336 25.60 3.79 24.46
C LEU A 336 26.09 3.20 25.79
N THR A 337 27.17 2.42 25.71
CA THR A 337 27.65 1.62 26.86
C THR A 337 28.29 2.46 27.97
N GLU A 338 28.99 3.55 27.61
CA GLU A 338 29.47 4.56 28.59
C GLU A 338 28.28 5.15 29.34
N ALA A 339 27.30 5.66 28.60
CA ALA A 339 26.07 6.20 29.19
C ALA A 339 25.43 5.20 30.13
N LEU A 340 25.24 3.98 29.64
CA LEU A 340 24.62 2.94 30.46
C LEU A 340 25.46 2.59 31.70
N SER A 341 26.79 2.61 31.55
CA SER A 341 27.69 2.32 32.65
C SER A 341 27.68 3.50 33.64
N LEU A 342 27.77 4.72 33.10
CA LEU A 342 27.65 5.90 33.93
C LEU A 342 26.35 5.89 34.71
N TYR A 343 25.27 5.39 34.11
CA TYR A 343 23.98 5.28 34.81
C TYR A 343 24.00 4.17 35.84
N GLU A 344 24.66 3.07 35.53
CA GLU A 344 24.73 2.00 36.53
C GLU A 344 25.53 2.47 37.76
N GLU A 345 26.55 3.29 37.52
CA GLU A 345 27.40 3.87 38.58
C GLU A 345 26.54 4.61 39.60
N GLN A 346 25.54 5.36 39.12
CA GLN A 346 24.64 6.16 39.98
C GLN A 346 23.69 5.30 40.81
N LEU A 347 23.37 4.10 40.33
CA LEU A 347 22.53 3.20 41.12
C LEU A 347 23.15 2.81 42.47
N GLY A 348 24.50 2.85 42.53
CA GLY A 348 25.22 2.56 43.76
C GLY A 348 25.70 3.81 44.47
N ARG A 349 25.09 4.95 44.15
CA ARG A 349 25.41 6.23 44.78
C ARG A 349 24.17 6.89 45.41
N LEU A 350 23.20 6.07 45.79
CA LEU A 350 21.95 6.53 46.41
C LEU A 350 22.03 6.50 47.94
N TYR A 351 21.08 7.18 48.61
CA TYR A 351 21.04 7.16 50.08
C TYR A 351 21.09 5.70 50.60
N CYS A 352 20.35 4.81 49.94
CA CYS A 352 20.31 3.42 50.37
C CYS A 352 20.88 2.48 49.30
N PRO A 353 21.32 1.28 49.72
CA PRO A 353 21.72 0.23 48.77
C PRO A 353 20.54 -0.35 47.97
N VAL A 354 20.74 -0.50 46.65
CA VAL A 354 19.73 -1.06 45.73
C VAL A 354 20.34 -2.19 44.87
N GLU A 355 19.48 -3.08 44.39
CA GLU A 355 19.87 -4.05 43.36
C GLU A 355 19.17 -3.71 42.02
N PHE A 356 19.65 -4.27 40.90
CA PHE A 356 19.00 -4.04 39.60
C PHE A 356 19.15 -5.19 38.62
N SER A 357 18.25 -5.19 37.63
CA SER A 357 18.31 -6.06 36.47
C SER A 357 17.93 -5.21 35.24
N LYS A 358 18.30 -5.70 34.06
CA LYS A 358 17.97 -4.98 32.86
C LYS A 358 17.53 -5.96 31.75
N GLU A 359 16.73 -5.46 30.81
CA GLU A 359 16.37 -6.26 29.64
C GLU A 359 16.42 -5.42 28.38
N ILE A 360 16.82 -6.08 27.30
CA ILE A 360 16.91 -5.46 25.98
C ILE A 360 15.57 -5.65 25.27
N VAL A 361 15.04 -4.55 24.73
CA VAL A 361 13.72 -4.60 24.13
C VAL A 361 13.66 -4.02 22.75
N CYS A 362 12.89 -4.66 21.88
CA CYS A 362 12.63 -4.11 20.55
C CYS A 362 11.35 -3.24 20.49
N VAL A 363 11.58 -1.93 20.47
CA VAL A 363 10.53 -0.90 20.31
C VAL A 363 10.53 -0.44 18.86
N PRO A 364 9.47 -0.80 18.11
CA PRO A 364 9.35 -0.61 16.65
C PRO A 364 9.86 0.72 16.07
N SER A 365 9.32 1.87 16.49
CA SER A 365 9.75 3.16 15.90
C SER A 365 11.18 3.66 16.26
N TYR A 366 11.83 3.01 17.23
CA TYR A 366 13.08 3.51 17.79
C TYR A 366 14.25 3.29 16.85
N LEU A 367 14.16 2.25 16.02
CA LEU A 367 15.23 1.91 15.08
C LEU A 367 16.56 1.64 15.83
N GLU A 368 16.45 1.26 17.10
CA GLU A 368 17.61 0.79 17.88
C GLU A 368 17.14 0.06 19.11
N LEU A 369 17.88 -0.95 19.53
CA LEU A 369 17.44 -1.73 20.70
C LEU A 369 17.63 -0.91 21.97
N TRP A 370 16.76 -1.16 22.94
CA TRP A 370 16.63 -0.29 24.10
C TRP A 370 16.64 -1.11 25.36
N VAL A 371 17.38 -0.60 26.35
CA VAL A 371 17.55 -1.27 27.61
C VAL A 371 16.60 -0.68 28.63
N PHE A 372 15.91 -1.55 29.34
CA PHE A 372 14.97 -1.16 30.37
C PHE A 372 15.42 -1.74 31.70
N TYR A 373 15.45 -0.86 32.70
CA TYR A 373 15.93 -1.14 34.03
C TYR A 373 14.84 -1.41 35.01
N THR A 374 15.18 -2.26 35.96
CA THR A 374 14.34 -2.59 37.07
C THR A 374 15.25 -2.52 38.28
N VAL A 375 14.86 -1.65 39.20
CA VAL A 375 15.62 -1.34 40.39
C VAL A 375 14.76 -1.56 41.64
N TRP A 376 15.37 -2.11 42.70
CA TRP A 376 14.68 -2.36 43.98
C TRP A 376 15.66 -2.37 45.16
N LYS A 377 15.14 -2.13 46.36
CA LYS A 377 15.97 -1.97 47.56
C LYS A 377 16.61 -3.28 47.99
N LYS A 378 17.90 -3.22 48.27
CA LYS A 378 18.65 -4.34 48.81
C LYS A 378 17.93 -4.84 50.09
N ALA A 379 17.75 -6.15 50.17
CA ALA A 379 16.95 -6.80 51.24
C ALA A 379 17.41 -6.44 52.66
N SER B 19 36.29 11.68 1.78
CA SER B 19 35.50 10.49 2.19
C SER B 19 34.68 10.70 3.48
N ARG B 20 34.99 11.71 4.29
CA ARG B 20 34.00 12.15 5.29
C ARG B 20 33.17 13.38 4.83
N HIS B 21 31.87 13.16 4.62
CA HIS B 21 30.99 14.19 4.10
C HIS B 21 29.99 14.77 5.10
N SER B 22 30.31 15.97 5.59
CA SER B 22 29.53 16.67 6.62
C SER B 22 28.51 17.61 6.01
N THR B 23 27.37 17.80 6.67
CA THR B 23 26.32 18.65 6.11
C THR B 23 25.73 19.60 7.14
N LEU B 24 25.15 20.71 6.68
CA LEU B 24 24.56 21.68 7.60
C LEU B 24 23.47 22.46 6.89
N ASP B 25 22.26 22.36 7.41
CA ASP B 25 21.12 22.92 6.72
C ASP B 25 20.51 24.04 7.57
N PHE B 26 20.12 25.12 6.90
CA PHE B 26 19.50 26.26 7.56
C PHE B 26 18.28 26.63 6.77
N MET B 27 17.15 26.76 7.47
CA MET B 27 15.83 27.02 6.88
C MET B 27 15.36 28.32 7.49
N LEU B 28 15.27 29.36 6.68
CA LEU B 28 15.01 30.70 7.21
C LEU B 28 13.69 31.28 6.73
N GLY B 29 13.24 32.37 7.34
CA GLY B 29 12.00 33.04 6.91
C GLY B 29 12.19 33.97 5.73
N GLU B 35 22.29 37.35 -0.25
CA GLU B 35 23.56 38.03 -0.45
C GLU B 35 24.23 38.34 0.88
N THR B 36 23.43 38.78 1.85
CA THR B 36 23.87 39.10 3.21
C THR B 36 24.46 37.86 3.91
N ILE B 37 23.79 36.72 3.73
CA ILE B 37 24.23 35.45 4.28
C ILE B 37 25.58 35.07 3.69
N LEU B 38 25.76 35.26 2.38
CA LEU B 38 27.04 34.98 1.72
C LEU B 38 28.16 35.80 2.36
N LYS B 39 27.92 37.10 2.54
CA LYS B 39 28.90 38.05 3.11
C LYS B 39 29.25 37.76 4.56
N GLY B 40 28.30 37.20 5.30
CA GLY B 40 28.56 36.77 6.67
C GLY B 40 29.37 35.48 6.75
N LEU B 41 29.15 34.59 5.79
CA LEU B 41 29.76 33.27 5.84
C LEU B 41 31.15 33.22 5.20
N GLN B 42 31.30 33.89 4.07
CA GLN B 42 32.56 33.99 3.32
C GLN B 42 33.77 34.20 4.21
N SER B 43 33.65 35.15 5.13
CA SER B 43 34.65 35.51 6.11
C SER B 43 35.33 34.28 6.74
N ILE B 44 34.51 33.35 7.24
CA ILE B 44 34.96 32.10 7.91
C ILE B 44 35.92 31.26 7.07
N PHE B 45 35.68 31.27 5.76
CA PHE B 45 36.44 30.45 4.82
C PHE B 45 37.76 31.09 4.41
N GLN B 46 37.74 32.40 4.21
CA GLN B 46 38.97 33.18 4.04
C GLN B 46 39.89 32.99 5.26
N GLU B 47 39.28 33.01 6.45
CA GLU B 47 39.97 32.92 7.74
C GLU B 47 40.66 31.56 7.88
N GLN B 48 40.28 30.62 7.01
CA GLN B 48 40.82 29.28 7.04
C GLN B 48 41.77 29.06 5.87
N GLY B 49 41.94 30.11 5.06
CA GLY B 49 42.85 30.08 3.93
C GLY B 49 42.32 29.38 2.70
N MET B 50 41.03 29.06 2.68
CA MET B 50 40.45 28.40 1.52
C MET B 50 40.17 29.39 0.40
N ALA B 51 40.30 28.94 -0.84
CA ALA B 51 40.07 29.77 -2.03
C ALA B 51 38.60 29.72 -2.45
N GLU B 52 38.04 30.86 -2.80
CA GLU B 52 36.61 30.95 -3.11
C GLU B 52 36.39 31.15 -4.58
N SER B 53 35.31 30.57 -5.10
CA SER B 53 34.74 30.96 -6.39
C SER B 53 33.21 30.87 -6.37
N VAL B 54 32.57 31.97 -6.75
CA VAL B 54 31.12 32.10 -6.70
C VAL B 54 30.47 32.04 -8.08
N HIS B 55 29.41 31.23 -8.20
CA HIS B 55 28.55 31.25 -9.37
C HIS B 55 27.24 31.92 -8.96
N THR B 56 26.93 33.06 -9.57
CA THR B 56 25.69 33.75 -9.27
C THR B 56 24.62 33.30 -10.25
N TRP B 57 23.41 33.12 -9.75
CA TRP B 57 22.28 32.78 -10.59
C TRP B 57 21.31 33.92 -10.67
N GLN B 58 20.74 34.11 -11.86
CA GLN B 58 19.56 34.97 -12.00
C GLN B 58 18.45 34.25 -11.23
N ASP B 59 17.98 34.90 -10.18
CA ASP B 59 16.90 34.37 -9.31
C ASP B 59 17.00 32.88 -8.89
N HIS B 60 18.22 32.37 -8.67
CA HIS B 60 18.43 31.07 -7.98
C HIS B 60 19.54 31.11 -6.92
N GLY B 61 19.99 32.33 -6.58
CA GLY B 61 21.00 32.52 -5.56
C GLY B 61 22.40 32.13 -5.98
N TYR B 62 23.16 31.60 -5.03
CA TYR B 62 24.61 31.45 -5.20
C TYR B 62 25.10 30.06 -4.85
N LEU B 63 26.18 29.68 -5.53
CA LEU B 63 26.99 28.55 -5.14
C LEU B 63 28.41 29.02 -4.94
N ALA B 64 28.95 28.77 -3.76
CA ALA B 64 30.32 29.12 -3.45
C ALA B 64 31.10 27.87 -3.05
N THR B 65 32.16 27.58 -3.80
CA THR B 65 33.00 26.40 -3.60
C THR B 65 34.26 26.84 -2.88
N TYR B 66 34.71 26.02 -1.93
CA TYR B 66 35.85 26.38 -1.09
C TYR B 66 36.85 25.23 -1.02
N THR B 67 37.99 25.40 -1.68
CA THR B 67 39.03 24.38 -1.73
C THR B 67 40.17 24.66 -0.77
N ASN B 68 40.59 23.65 -0.02
CA ASN B 68 41.71 23.74 0.90
C ASN B 68 42.92 23.00 0.30
N LYS B 69 44.13 23.50 0.61
CA LYS B 69 45.42 22.87 0.24
C LYS B 69 45.48 21.38 0.57
N ASN B 70 45.00 21.00 1.77
CA ASN B 70 44.99 19.59 2.20
C ASN B 70 44.01 18.67 1.45
N GLY B 71 43.43 19.18 0.37
CA GLY B 71 42.51 18.39 -0.46
C GLY B 71 41.12 18.24 0.13
N SER B 72 40.73 19.15 1.02
CA SER B 72 39.36 19.21 1.50
C SER B 72 38.58 20.33 0.80
N PHE B 73 37.27 20.16 0.66
CA PHE B 73 36.45 21.22 0.06
C PHE B 73 35.07 21.37 0.68
N ALA B 74 34.56 22.59 0.61
CA ALA B 74 33.23 22.93 1.07
C ALA B 74 32.39 23.49 -0.06
N ASN B 75 31.14 23.03 -0.15
CA ASN B 75 30.13 23.69 -0.97
C ASN B 75 29.11 24.46 -0.11
N LEU B 76 28.78 25.66 -0.54
CA LEU B 76 27.84 26.52 0.16
C LEU B 76 26.81 27.02 -0.83
N ARG B 77 25.62 26.42 -0.74
CA ARG B 77 24.51 26.75 -1.62
C ARG B 77 23.58 27.66 -0.84
N ILE B 78 23.22 28.77 -1.48
CA ILE B 78 22.26 29.72 -0.93
C ILE B 78 21.13 29.92 -1.95
N TYR B 79 19.98 29.35 -1.66
CA TYR B 79 18.80 29.49 -2.49
C TYR B 79 18.13 30.83 -2.19
N PRO B 80 17.25 31.31 -3.07
CA PRO B 80 16.63 32.64 -2.89
C PRO B 80 15.57 32.75 -1.79
N HIS B 81 14.93 31.64 -1.43
CA HIS B 81 13.86 31.64 -0.44
C HIS B 81 14.36 31.35 0.99
N GLY B 82 15.59 31.79 1.29
CA GLY B 82 16.18 31.43 2.57
C GLY B 82 16.27 29.94 2.84
N LEU B 83 16.92 29.21 1.93
CA LEU B 83 17.42 27.89 2.25
C LEU B 83 18.93 27.93 2.07
N VAL B 84 19.64 27.58 3.13
CA VAL B 84 21.10 27.60 3.11
C VAL B 84 21.63 26.23 3.48
N LEU B 85 22.35 25.64 2.53
CA LEU B 85 22.94 24.30 2.68
C LEU B 85 24.45 24.32 2.48
N LEU B 86 25.16 23.74 3.44
CA LEU B 86 26.60 23.66 3.41
C LEU B 86 27.09 22.22 3.47
N ASP B 87 28.08 21.90 2.63
CA ASP B 87 28.67 20.57 2.58
C ASP B 87 30.16 20.67 2.81
N LEU B 88 30.73 19.72 3.53
CA LEU B 88 32.18 19.59 3.59
C LEU B 88 32.59 18.16 3.33
N GLN B 89 33.72 17.98 2.65
CA GLN B 89 34.23 16.66 2.30
C GLN B 89 35.70 16.55 2.73
N SER B 90 36.09 15.38 3.24
CA SER B 90 37.50 15.15 3.63
C SER B 90 37.97 13.72 3.34
N GLY B 97 42.19 17.41 11.67
CA GLY B 97 41.56 17.37 10.34
C GLY B 97 40.05 17.17 10.42
N LYS B 98 39.65 16.23 11.27
CA LYS B 98 38.24 16.00 11.58
C LYS B 98 37.72 17.18 12.39
N GLU B 99 38.53 17.61 13.36
CA GLU B 99 38.14 18.65 14.30
C GLU B 99 38.04 19.99 13.59
N GLU B 100 39.00 20.25 12.71
CA GLU B 100 38.94 21.42 11.85
C GLU B 100 37.53 21.65 11.32
N ILE B 101 37.00 20.62 10.66
CA ILE B 101 35.71 20.68 9.99
C ILE B 101 34.53 20.78 10.96
N ASP B 102 34.59 20.00 12.04
CA ASP B 102 33.69 20.13 13.19
C ASP B 102 33.58 21.56 13.71
N SER B 103 34.75 22.15 13.95
CA SER B 103 34.90 23.55 14.34
C SER B 103 34.42 24.54 13.25
N ILE B 104 34.72 24.26 11.98
CA ILE B 104 34.21 25.11 10.90
C ILE B 104 32.67 25.13 10.83
N LEU B 105 32.05 23.97 10.96
CA LEU B 105 30.61 23.90 11.05
C LEU B 105 30.13 24.62 12.30
N ASN B 106 30.91 24.55 13.37
CA ASN B 106 30.56 25.28 14.59
C ASN B 106 30.61 26.78 14.33
N LYS B 107 31.61 27.21 13.58
CA LYS B 107 31.77 28.63 13.28
C LYS B 107 30.61 29.11 12.42
N VAL B 108 30.17 28.25 11.51
CA VAL B 108 29.02 28.54 10.67
C VAL B 108 27.72 28.66 11.48
N GLU B 109 27.56 27.88 12.55
CA GLU B 109 26.36 28.00 13.38
C GLU B 109 26.34 29.28 14.23
N GLU B 110 27.46 29.57 14.89
CA GLU B 110 27.62 30.80 15.68
C GLU B 110 27.34 32.02 14.83
N ARG B 111 27.95 32.07 13.64
CA ARG B 111 27.74 33.19 12.73
C ARG B 111 26.30 33.33 12.27
N MET B 112 25.67 32.21 11.91
CA MET B 112 24.25 32.21 11.52
C MET B 112 23.29 32.62 12.65
N LYS B 113 23.68 32.40 13.91
CA LYS B 113 22.92 32.92 15.05
C LYS B 113 22.89 34.44 15.02
N GLU B 114 24.06 35.06 14.89
CA GLU B 114 24.20 36.52 14.80
C GLU B 114 23.44 37.09 13.60
N LEU B 115 23.54 36.40 12.46
CA LEU B 115 22.90 36.85 11.22
C LEU B 115 21.38 36.79 11.26
N SER B 116 20.81 36.04 12.21
CA SER B 116 19.34 35.89 12.26
C SER B 116 18.71 37.08 13.00
N ARG B 122 15.34 27.23 11.73
CA ARG B 122 15.61 25.80 11.80
C ARG B 122 16.99 25.37 11.28
N VAL B 123 17.66 24.52 12.05
CA VAL B 123 18.98 23.99 11.73
C VAL B 123 18.94 22.47 11.68
N LYS B 124 19.63 21.88 10.69
CA LYS B 124 19.82 20.42 10.66
C LYS B 124 21.30 20.06 10.47
N ARG B 125 21.85 19.33 11.41
CA ARG B 125 23.20 18.84 11.30
C ARG B 125 23.22 17.33 11.49
N LEU B 126 22.79 16.62 10.45
CA LEU B 126 22.83 15.14 10.40
C LEU B 126 24.23 14.56 10.59
N PRO B 127 24.31 13.32 11.07
CA PRO B 127 25.60 12.66 11.20
C PRO B 127 26.29 12.64 9.85
N PRO B 128 27.58 13.03 9.82
CA PRO B 128 28.36 12.99 8.58
C PRO B 128 28.30 11.59 7.96
N ILE B 129 28.28 11.53 6.62
CA ILE B 129 28.25 10.26 5.92
C ILE B 129 29.63 9.85 5.35
N VAL B 130 30.17 8.75 5.87
CA VAL B 130 31.41 8.19 5.38
C VAL B 130 31.19 7.64 3.99
N ARG B 131 32.02 8.09 3.07
CA ARG B 131 31.90 7.67 1.69
C ARG B 131 33.16 6.87 1.33
N GLY B 132 32.97 5.62 0.92
CA GLY B 132 34.06 4.76 0.48
C GLY B 132 34.81 4.12 1.64
N GLY B 133 34.16 4.03 2.78
CA GLY B 133 34.76 3.40 3.96
C GLY B 133 35.05 1.93 3.71
N ALA B 134 36.12 1.42 4.32
CA ALA B 134 36.45 0.00 4.24
C ALA B 134 35.32 -0.84 4.88
N ILE B 135 34.55 -0.23 5.78
CA ILE B 135 33.43 -0.89 6.45
C ILE B 135 32.14 -0.16 6.10
N ASP B 136 31.24 -0.82 5.36
CA ASP B 136 30.07 -0.19 4.77
C ASP B 136 28.87 -0.33 5.70
N ARG B 137 28.31 0.81 6.09
CA ARG B 137 27.34 0.90 7.17
C ARG B 137 25.91 1.14 6.64
N TYR B 138 25.83 1.50 5.36
CA TYR B 138 24.59 1.97 4.75
C TYR B 138 23.86 0.90 3.95
N TRP B 139 22.73 0.46 4.48
CA TRP B 139 21.91 -0.56 3.84
C TRP B 139 20.46 -0.15 3.75
N PRO B 140 20.09 0.58 2.67
CA PRO B 140 18.70 1.05 2.54
C PRO B 140 17.65 -0.06 2.74
N THR B 141 16.55 0.30 3.41
CA THR B 141 15.40 -0.58 3.63
C THR B 141 14.76 -0.94 2.29
N ALA B 142 13.96 -2.00 2.22
CA ALA B 142 13.22 -2.29 0.98
C ALA B 142 12.34 -1.11 0.47
N ASP B 143 11.86 -0.26 1.37
CA ASP B 143 11.04 0.89 0.96
C ASP B 143 11.87 2.12 0.59
N GLY B 144 13.18 1.92 0.40
CA GLY B 144 14.05 2.96 -0.18
C GLY B 144 14.47 4.08 0.80
N ARG B 145 14.53 3.74 2.08
CA ARG B 145 14.93 4.73 3.07
C ARG B 145 16.40 4.59 3.38
N LEU B 146 17.06 5.72 3.61
CA LEU B 146 18.47 5.65 4.01
C LEU B 146 18.65 5.40 5.53
N VAL B 147 19.22 4.25 5.87
CA VAL B 147 19.54 3.92 7.26
C VAL B 147 21.00 3.50 7.43
N GLU B 148 21.66 4.06 8.44
CA GLU B 148 23.01 3.71 8.80
C GLU B 148 22.99 2.62 9.91
N TYR B 149 23.70 1.51 9.68
CA TYR B 149 23.78 0.44 10.69
C TYR B 149 25.03 0.58 11.57
N ASP B 150 24.95 0.03 12.79
CA ASP B 150 26.03 0.09 13.78
C ASP B 150 27.06 -1.00 13.53
N ILE B 151 27.65 -0.96 12.34
CA ILE B 151 28.56 -2.01 11.86
C ILE B 151 29.98 -1.62 12.09
N ASP B 152 30.72 -2.49 12.77
CA ASP B 152 32.14 -2.20 13.08
C ASP B 152 33.17 -3.18 12.45
N GLU B 153 32.70 -4.13 11.65
CA GLU B 153 33.55 -5.22 11.19
C GLU B 153 32.93 -6.02 10.03
N VAL B 154 33.61 -6.09 8.89
CA VAL B 154 33.22 -6.98 7.81
C VAL B 154 33.67 -8.41 8.13
N VAL B 155 32.73 -9.26 8.55
CA VAL B 155 33.06 -10.64 8.96
C VAL B 155 33.24 -11.56 7.74
N TYR B 156 32.47 -11.34 6.68
CA TYR B 156 32.42 -12.25 5.56
C TYR B 156 31.86 -11.53 4.36
N ASP B 157 32.61 -11.59 3.26
CA ASP B 157 32.22 -10.98 1.98
C ASP B 157 32.77 -11.84 0.84
N GLU B 158 31.90 -12.69 0.28
CA GLU B 158 32.27 -13.58 -0.80
C GLU B 158 31.17 -13.62 -1.83
N ASP B 159 31.52 -13.49 -3.10
CA ASP B 159 30.59 -13.82 -4.21
C ASP B 159 30.46 -15.31 -4.39
N SER B 160 29.23 -15.84 -4.43
CA SER B 160 29.03 -17.26 -4.71
C SER B 160 28.64 -17.44 -6.18
N PRO B 161 28.40 -18.68 -6.63
CA PRO B 161 27.91 -18.74 -8.03
C PRO B 161 26.56 -18.01 -8.21
N TYR B 162 25.80 -17.82 -7.12
CA TYR B 162 24.46 -17.26 -7.19
C TYR B 162 24.30 -15.83 -6.73
N GLN B 163 25.10 -15.41 -5.78
CA GLN B 163 24.81 -14.16 -5.09
C GLN B 163 26.02 -13.64 -4.33
N ASN B 164 26.10 -12.34 -4.14
CA ASN B 164 27.03 -11.79 -3.17
C ASN B 164 26.60 -12.12 -1.75
N ILE B 165 27.53 -12.59 -0.92
CA ILE B 165 27.19 -12.92 0.46
C ILE B 165 28.08 -12.14 1.42
N LYS B 166 27.48 -11.28 2.23
CA LYS B 166 28.19 -10.54 3.29
C LYS B 166 27.61 -10.95 4.63
N ILE B 167 28.47 -10.99 5.64
CA ILE B 167 28.02 -11.05 7.02
C ILE B 167 28.73 -9.87 7.68
N LEU B 168 27.95 -8.89 8.12
CA LEU B 168 28.51 -7.67 8.73
C LEU B 168 28.19 -7.67 10.21
N HIS B 169 29.15 -7.30 11.04
CA HIS B 169 28.88 -7.33 12.48
C HIS B 169 28.23 -6.05 12.95
N SER B 170 27.11 -6.17 13.67
CA SER B 170 26.50 -5.05 14.40
C SER B 170 26.67 -5.17 15.91
N LYS B 171 26.92 -4.05 16.59
CA LYS B 171 27.04 -4.07 18.05
C LYS B 171 25.76 -4.58 18.65
N GLN B 172 24.65 -3.92 18.36
CA GLN B 172 23.37 -4.31 18.93
C GLN B 172 22.72 -5.54 18.24
N PHE B 173 22.89 -5.68 16.93
CA PHE B 173 22.18 -6.77 16.22
C PHE B 173 22.97 -8.10 16.11
N GLY B 174 24.25 -8.10 16.50
CA GLY B 174 25.12 -9.27 16.34
C GLY B 174 25.55 -9.37 14.89
N ASN B 175 26.02 -10.53 14.46
CA ASN B 175 26.28 -10.70 13.02
C ASN B 175 24.98 -10.59 12.19
N ILE B 176 25.07 -9.92 11.04
CA ILE B 176 23.93 -9.76 10.10
C ILE B 176 24.24 -10.35 8.71
N LEU B 177 23.38 -11.28 8.24
CA LEU B 177 23.53 -11.85 6.91
C LEU B 177 22.85 -10.96 5.86
N ILE B 178 23.64 -10.52 4.89
CA ILE B 178 23.19 -9.63 3.83
C ILE B 178 23.47 -10.27 2.47
N LEU B 179 22.39 -10.58 1.76
CA LEU B 179 22.47 -11.29 0.48
C LEU B 179 22.04 -10.41 -0.65
N SER B 180 22.93 -10.20 -1.63
CA SER B 180 22.72 -9.26 -2.74
C SER B 180 22.28 -7.86 -2.26
N GLY B 181 22.82 -7.41 -1.13
CA GLY B 181 22.55 -6.08 -0.60
C GLY B 181 21.25 -5.97 0.15
N ASP B 182 20.59 -7.09 0.36
CA ASP B 182 19.33 -7.09 1.04
C ASP B 182 19.59 -7.76 2.37
N VAL B 183 19.26 -7.07 3.48
CA VAL B 183 19.42 -7.63 4.84
C VAL B 183 18.47 -8.82 4.98
N ASN B 184 18.99 -10.02 5.29
CA ASN B 184 18.14 -11.23 5.45
C ASN B 184 17.86 -11.59 6.91
N LEU B 185 18.91 -11.58 7.75
CA LEU B 185 18.75 -11.91 9.14
C LEU B 185 19.98 -11.56 9.94
N ALA B 186 19.76 -11.01 11.12
CA ALA B 186 20.80 -10.89 12.11
C ALA B 186 20.53 -11.85 13.27
N GLU B 187 21.59 -12.10 14.04
CA GLU B 187 21.51 -12.96 15.22
C GLU B 187 20.44 -12.51 16.21
N SER B 188 20.03 -11.25 16.13
CA SER B 188 18.94 -10.69 16.95
C SER B 188 17.53 -10.99 16.46
N ASP B 189 17.37 -11.46 15.22
CA ASP B 189 16.02 -11.54 14.63
C ASP B 189 15.18 -12.80 14.85
N LEU B 190 15.20 -13.34 16.07
CA LEU B 190 14.33 -14.51 16.41
C LEU B 190 12.85 -14.25 16.08
N ALA B 191 12.44 -12.99 16.08
CA ALA B 191 11.04 -12.62 15.78
C ALA B 191 10.63 -12.98 14.35
N TYR B 192 11.56 -12.85 13.42
CA TYR B 192 11.32 -13.28 12.06
C TYR B 192 11.01 -14.77 12.02
N THR B 193 11.91 -15.60 12.58
CA THR B 193 11.75 -17.05 12.69
C THR B 193 10.43 -17.40 13.39
N ARG B 194 10.13 -16.74 14.51
CA ARG B 194 8.88 -16.97 15.24
C ARG B 194 7.65 -16.77 14.31
N ALA B 195 7.65 -15.68 13.54
CA ALA B 195 6.52 -15.36 12.67
C ALA B 195 6.36 -16.32 11.47
N ILE B 196 7.46 -16.64 10.78
CA ILE B 196 7.41 -17.54 9.64
C ILE B 196 7.13 -18.99 10.11
N MET B 197 7.15 -19.20 11.44
CA MET B 197 6.83 -20.49 12.02
C MET B 197 5.41 -20.52 12.54
N GLY B 198 4.68 -19.41 12.30
CA GLY B 198 3.28 -19.30 12.68
C GLY B 198 3.01 -18.71 14.07
N SER B 199 3.98 -17.95 14.58
CA SER B 199 3.80 -17.19 15.83
C SER B 199 3.27 -18.03 17.02
N GLY B 200 3.85 -19.19 17.26
CA GLY B 200 3.49 -20.04 18.39
C GLY B 200 2.14 -20.77 18.36
N LYS B 201 1.39 -20.63 17.27
CA LYS B 201 0.08 -21.32 17.15
C LYS B 201 0.20 -22.78 16.67
N GLU B 202 1.37 -23.15 16.16
CA GLU B 202 1.52 -24.46 15.52
C GLU B 202 2.26 -25.46 16.39
N ASP B 203 1.81 -26.72 16.29
CA ASP B 203 2.34 -27.85 17.04
C ASP B 203 3.13 -28.77 16.11
N TYR B 204 4.45 -28.67 16.20
CA TYR B 204 5.32 -29.30 15.22
C TYR B 204 5.72 -30.71 15.60
N THR B 205 5.43 -31.08 16.85
CA THR B 205 5.66 -32.40 17.41
C THR B 205 5.21 -33.48 16.42
N GLY B 206 6.14 -34.36 16.04
CA GLY B 206 5.85 -35.45 15.09
C GLY B 206 5.31 -35.09 13.71
N LYS B 207 5.54 -33.86 13.23
CA LYS B 207 5.05 -33.41 11.92
C LYS B 207 6.09 -33.48 10.81
N ASP B 208 5.63 -33.51 9.57
CA ASP B 208 6.52 -33.48 8.41
C ASP B 208 6.60 -32.07 7.82
N VAL B 209 7.80 -31.51 7.84
CA VAL B 209 8.04 -30.13 7.42
C VAL B 209 8.96 -30.00 6.19
N LEU B 210 8.60 -29.10 5.27
CA LEU B 210 9.50 -28.66 4.19
C LEU B 210 9.87 -27.18 4.35
N ILE B 211 11.16 -26.90 4.26
CA ILE B 211 11.72 -25.52 4.23
C ILE B 211 12.39 -25.22 2.90
N LEU B 212 12.00 -24.13 2.27
CA LEU B 212 12.65 -23.71 1.04
C LEU B 212 13.66 -22.61 1.41
N GLY B 213 14.93 -22.81 1.09
CA GLY B 213 15.92 -21.77 1.33
C GLY B 213 16.44 -21.91 2.74
N GLY B 214 16.49 -20.79 3.48
CA GLY B 214 16.64 -20.86 4.94
C GLY B 214 18.02 -21.25 5.40
N GLY B 215 19.01 -20.88 4.59
CA GLY B 215 20.40 -21.23 4.80
C GLY B 215 21.06 -20.59 6.00
N ASP B 216 20.42 -19.58 6.60
CA ASP B 216 20.89 -19.03 7.89
C ASP B 216 20.69 -20.02 9.07
N GLY B 217 19.85 -21.04 8.86
CA GLY B 217 19.66 -22.08 9.85
C GLY B 217 18.72 -21.68 10.96
N GLY B 218 18.21 -20.44 10.89
CA GLY B 218 17.26 -19.92 11.88
C GLY B 218 16.12 -20.87 12.14
N ILE B 219 15.23 -21.03 11.17
CA ILE B 219 14.08 -21.93 11.37
C ILE B 219 14.47 -23.37 11.68
N LEU B 220 15.44 -23.93 10.95
CA LEU B 220 15.86 -25.32 11.14
C LEU B 220 16.30 -25.53 12.59
N CYS B 221 17.11 -24.60 13.10
CA CYS B 221 17.56 -24.63 14.50
C CYS B 221 16.41 -24.67 15.50
N GLU B 222 15.41 -23.81 15.29
CA GLU B 222 14.28 -23.71 16.22
C GLU B 222 13.30 -24.85 16.04
N ILE B 223 13.13 -25.34 14.81
CA ILE B 223 12.15 -26.40 14.56
C ILE B 223 12.63 -27.75 15.10
N VAL B 224 13.94 -27.98 15.04
CA VAL B 224 14.53 -29.25 15.49
C VAL B 224 14.38 -29.44 17.01
N LYS B 225 14.36 -28.35 17.78
CA LYS B 225 14.18 -28.42 19.25
C LYS B 225 12.78 -28.92 19.59
N LEU B 226 11.88 -28.85 18.61
CA LEU B 226 10.46 -29.12 18.86
C LEU B 226 10.03 -30.52 18.48
N LYS B 227 11.01 -31.40 18.21
CA LYS B 227 10.75 -32.82 17.90
C LYS B 227 9.76 -33.08 16.76
N PRO B 228 10.05 -32.55 15.55
CA PRO B 228 9.23 -32.92 14.40
C PRO B 228 9.55 -34.35 14.00
N LYS B 229 8.70 -34.96 13.19
CA LYS B 229 9.04 -36.28 12.68
C LYS B 229 10.23 -36.07 11.77
N MET B 230 10.10 -35.17 10.80
CA MET B 230 11.18 -34.94 9.82
C MET B 230 11.07 -33.56 9.22
N VAL B 231 12.20 -32.85 9.19
CA VAL B 231 12.33 -31.55 8.54
C VAL B 231 13.28 -31.65 7.33
N THR B 232 12.83 -31.17 6.17
CA THR B 232 13.69 -31.09 4.99
C THR B 232 13.89 -29.65 4.58
N MET B 233 15.13 -29.22 4.46
CA MET B 233 15.42 -27.85 4.06
C MET B 233 16.13 -27.89 2.73
N VAL B 234 15.65 -27.12 1.75
CA VAL B 234 16.29 -27.15 0.43
C VAL B 234 16.94 -25.81 0.14
N GLU B 235 18.28 -25.80 0.20
CA GLU B 235 19.07 -24.59 0.09
C GLU B 235 20.05 -24.77 -1.05
N ILE B 236 20.03 -23.82 -1.98
CA ILE B 236 20.80 -23.93 -3.18
C ILE B 236 22.25 -23.52 -2.99
N ASP B 237 22.52 -22.68 -1.98
CA ASP B 237 23.85 -22.07 -1.87
C ASP B 237 24.67 -22.56 -0.65
N GLN B 238 25.59 -23.50 -0.89
CA GLN B 238 26.43 -24.07 0.15
C GLN B 238 27.24 -22.98 0.90
N MET B 239 27.58 -21.91 0.18
CA MET B 239 28.39 -20.85 0.75
C MET B 239 27.66 -20.02 1.78
N VAL B 240 26.31 -20.06 1.78
CA VAL B 240 25.55 -19.30 2.75
C VAL B 240 25.60 -20.09 4.04
N ILE B 241 25.35 -21.39 3.92
CA ILE B 241 25.48 -22.28 5.04
C ILE B 241 26.90 -22.21 5.64
N ASP B 242 27.91 -22.22 4.79
CA ASP B 242 29.29 -22.17 5.26
C ASP B 242 29.47 -20.94 6.14
N GLY B 243 29.06 -19.79 5.62
CA GLY B 243 29.21 -18.52 6.31
C GLY B 243 28.48 -18.53 7.62
N CYS B 244 27.28 -19.12 7.65
CA CYS B 244 26.39 -19.03 8.80
C CYS B 244 26.75 -19.98 9.94
N LYS B 245 27.11 -21.21 9.58
CA LYS B 245 27.70 -22.21 10.46
C LYS B 245 28.85 -21.63 11.26
N LYS B 246 29.69 -20.81 10.62
CA LYS B 246 30.86 -20.23 11.29
C LYS B 246 30.52 -18.94 12.03
N TYR B 247 29.49 -18.22 11.56
CA TYR B 247 29.37 -16.80 11.96
C TYR B 247 28.05 -16.34 12.54
N MET B 248 27.01 -17.14 12.41
CA MET B 248 25.67 -16.83 12.91
C MET B 248 25.19 -17.91 13.86
N ARG B 249 26.11 -18.41 14.68
CA ARG B 249 25.79 -19.55 15.57
C ARG B 249 24.69 -19.20 16.58
N LYS B 250 24.56 -17.92 16.88
CA LYS B 250 23.48 -17.44 17.73
C LYS B 250 22.11 -17.48 17.04
N THR B 251 22.07 -17.57 15.70
CA THR B 251 20.82 -17.95 15.04
C THR B 251 20.68 -19.47 14.76
N CYS B 252 21.69 -20.08 14.13
CA CYS B 252 21.61 -21.53 13.77
C CYS B 252 22.08 -22.62 14.78
N GLY B 253 22.50 -22.19 15.99
CA GLY B 253 23.24 -23.07 16.93
C GLY B 253 24.24 -24.00 16.25
N ASP B 254 24.10 -25.31 16.48
CA ASP B 254 24.95 -26.26 15.82
C ASP B 254 24.24 -27.04 14.71
N VAL B 255 23.01 -26.62 14.40
CA VAL B 255 22.16 -27.41 13.50
C VAL B 255 22.76 -27.60 12.11
N LEU B 256 23.58 -26.64 11.69
CA LEU B 256 24.16 -26.61 10.36
C LEU B 256 25.52 -27.32 10.28
N ASP B 257 25.93 -28.00 11.34
CA ASP B 257 27.25 -28.67 11.29
C ASP B 257 27.17 -29.96 10.50
N ASN B 258 26.08 -30.70 10.68
CA ASN B 258 25.74 -31.82 9.81
C ASN B 258 24.48 -31.60 9.03
N LEU B 259 24.62 -31.65 7.71
CA LEU B 259 23.46 -31.64 6.82
C LEU B 259 22.42 -32.73 7.21
N LYS B 260 22.85 -33.83 7.81
CA LYS B 260 21.90 -34.91 8.17
C LYS B 260 21.89 -35.22 9.66
N GLY B 261 20.72 -35.05 10.28
CA GLY B 261 20.60 -35.28 11.70
C GLY B 261 19.42 -36.14 12.08
N ASP B 262 19.20 -36.22 13.38
CA ASP B 262 18.13 -37.01 13.97
C ASP B 262 16.80 -36.94 13.18
N CYS B 263 16.39 -35.73 12.79
CA CYS B 263 15.01 -35.52 12.39
C CYS B 263 14.95 -34.43 11.33
N TYR B 264 16.01 -34.38 10.54
CA TYR B 264 16.20 -33.31 9.59
C TYR B 264 17.30 -33.66 8.57
N GLN B 265 17.17 -33.08 7.38
CA GLN B 265 18.18 -33.19 6.36
C GLN B 265 18.22 -31.89 5.56
N VAL B 266 19.43 -31.46 5.24
CA VAL B 266 19.63 -30.29 4.41
C VAL B 266 20.04 -30.74 3.02
N LEU B 267 19.28 -30.40 1.99
CA LEU B 267 19.68 -30.73 0.61
C LEU B 267 20.27 -29.54 -0.13
N ILE B 268 21.47 -29.69 -0.67
CA ILE B 268 22.06 -28.62 -1.49
C ILE B 268 21.64 -28.79 -2.94
N GLU B 269 20.47 -28.22 -3.25
CA GLU B 269 20.01 -28.05 -4.61
C GLU B 269 18.98 -26.97 -4.70
N ASP B 270 18.64 -26.64 -5.93
CA ASP B 270 17.57 -25.72 -6.29
C ASP B 270 16.25 -26.33 -5.83
N CYS B 271 15.42 -25.56 -5.15
CA CYS B 271 14.19 -26.09 -4.59
C CYS B 271 13.16 -26.41 -5.68
N ILE B 272 13.24 -25.74 -6.83
CA ILE B 272 12.29 -26.02 -7.91
C ILE B 272 12.28 -27.49 -8.31
N PRO B 273 13.44 -28.01 -8.81
CA PRO B 273 13.45 -29.43 -9.14
C PRO B 273 13.08 -30.31 -7.95
N VAL B 274 13.47 -29.93 -6.74
CA VAL B 274 13.14 -30.75 -5.56
C VAL B 274 11.63 -30.76 -5.36
N LEU B 275 11.01 -29.60 -5.52
CA LEU B 275 9.57 -29.50 -5.46
C LEU B 275 8.86 -30.41 -6.50
N LYS B 276 9.40 -30.47 -7.72
CA LYS B 276 8.85 -31.35 -8.76
C LYS B 276 8.97 -32.84 -8.44
N ARG B 277 10.19 -33.28 -8.13
CA ARG B 277 10.41 -34.63 -7.58
C ARG B 277 9.39 -34.99 -6.50
N TYR B 278 9.26 -34.16 -5.48
CA TYR B 278 8.32 -34.48 -4.41
C TYR B 278 6.88 -34.63 -4.90
N ALA B 279 6.41 -33.66 -5.69
CA ALA B 279 5.07 -33.78 -6.28
C ALA B 279 4.94 -35.05 -7.13
N LYS B 280 5.90 -35.28 -8.03
CA LYS B 280 5.85 -36.46 -8.87
C LYS B 280 5.72 -37.76 -8.07
N GLU B 281 6.50 -37.92 -7.01
CA GLU B 281 6.36 -39.09 -6.12
C GLU B 281 5.18 -38.97 -5.13
N GLY B 282 4.48 -37.84 -5.20
CA GLY B 282 3.24 -37.63 -4.44
C GLY B 282 3.52 -37.52 -2.96
N ARG B 283 4.67 -36.95 -2.63
CA ARG B 283 5.02 -36.72 -1.25
C ARG B 283 4.44 -35.36 -0.79
N GLU B 284 3.90 -35.35 0.43
CA GLU B 284 3.20 -34.22 1.02
C GLU B 284 3.72 -33.93 2.42
N PHE B 285 3.55 -32.68 2.86
CA PHE B 285 4.04 -32.23 4.12
C PHE B 285 2.92 -31.57 4.92
N ASP B 286 3.02 -31.58 6.25
CA ASP B 286 2.09 -30.83 7.10
C ASP B 286 2.35 -29.33 6.95
N TYR B 287 3.61 -28.95 6.86
CA TYR B 287 4.00 -27.55 6.76
C TYR B 287 5.03 -27.34 5.68
N VAL B 288 4.76 -26.33 4.83
CA VAL B 288 5.73 -25.79 3.90
C VAL B 288 6.01 -24.36 4.31
N ILE B 289 7.29 -24.08 4.46
CA ILE B 289 7.79 -22.79 4.89
C ILE B 289 8.77 -22.28 3.85
N ASN B 290 8.33 -21.27 3.12
CA ASN B 290 9.13 -20.63 2.10
C ASN B 290 9.99 -19.57 2.73
N ASP B 291 11.26 -19.89 2.92
CA ASP B 291 12.18 -18.89 3.47
C ASP B 291 13.25 -18.51 2.44
N LEU B 292 12.83 -18.32 1.20
CA LEU B 292 13.78 -17.95 0.13
C LEU B 292 14.14 -16.50 0.30
N THR B 293 15.09 -16.03 -0.50
CA THR B 293 15.38 -14.59 -0.58
C THR B 293 14.20 -13.90 -1.34
N ALA B 294 14.07 -12.58 -1.22
CA ALA B 294 12.98 -11.79 -1.86
C ALA B 294 12.86 -12.06 -3.35
N VAL B 295 14.01 -12.05 -4.05
CA VAL B 295 14.11 -12.59 -5.40
C VAL B 295 14.74 -13.97 -5.30
N PRO B 296 13.92 -15.01 -5.47
CA PRO B 296 14.51 -16.34 -5.45
C PRO B 296 15.55 -16.47 -6.56
N ILE B 297 16.42 -17.47 -6.41
CA ILE B 297 17.52 -17.70 -7.31
C ILE B 297 17.03 -18.65 -8.38
N SER B 298 17.38 -18.33 -9.62
CA SER B 298 17.03 -19.16 -10.74
C SER B 298 18.22 -19.33 -11.66
N THR B 299 18.32 -20.53 -12.24
CA THR B 299 19.24 -20.77 -13.35
C THR B 299 18.48 -21.20 -14.59
N SER B 300 17.15 -21.15 -14.54
CA SER B 300 16.32 -21.46 -15.69
C SER B 300 16.23 -20.23 -16.59
N SER B 305 8.12 -11.16 -14.86
CA SER B 305 8.81 -12.45 -14.79
C SER B 305 9.01 -12.88 -13.34
N THR B 306 9.50 -11.96 -12.51
CA THR B 306 9.75 -12.23 -11.09
C THR B 306 8.48 -12.73 -10.43
N TRP B 307 7.35 -12.11 -10.78
CA TRP B 307 6.02 -12.50 -10.27
C TRP B 307 5.52 -13.89 -10.73
N GLU B 308 5.74 -14.22 -12.00
CA GLU B 308 5.50 -15.57 -12.52
C GLU B 308 6.30 -16.60 -11.73
N PHE B 309 7.55 -16.27 -11.44
CA PHE B 309 8.39 -17.14 -10.65
C PHE B 309 7.77 -17.38 -9.24
N LEU B 310 7.30 -16.32 -8.60
CA LEU B 310 6.68 -16.46 -7.27
C LEU B 310 5.43 -17.32 -7.37
N ARG B 311 4.62 -17.09 -8.40
CA ARG B 311 3.41 -17.91 -8.62
C ARG B 311 3.79 -19.37 -8.80
N LEU B 312 4.84 -19.62 -9.60
CA LEU B 312 5.36 -20.99 -9.79
C LEU B 312 5.70 -21.72 -8.47
N ILE B 313 6.32 -21.04 -7.52
CA ILE B 313 6.82 -21.69 -6.33
C ILE B 313 5.62 -22.06 -5.45
N LEU B 314 4.64 -21.17 -5.45
CA LEU B 314 3.40 -21.38 -4.74
C LEU B 314 2.62 -22.57 -5.27
N ASP B 315 2.51 -22.68 -6.59
CA ASP B 315 1.83 -23.82 -7.20
C ASP B 315 2.52 -25.10 -6.72
N LEU B 316 3.84 -25.16 -6.91
CA LEU B 316 4.65 -26.31 -6.49
C LEU B 316 4.55 -26.63 -5.00
N SER B 317 4.57 -25.60 -4.15
CA SER B 317 4.43 -25.77 -2.70
C SER B 317 3.06 -26.33 -2.33
N MET B 318 2.03 -25.81 -2.97
CA MET B 318 0.67 -26.32 -2.78
C MET B 318 0.56 -27.81 -3.12
N LYS B 319 1.12 -28.21 -4.26
CA LYS B 319 1.06 -29.60 -4.72
C LYS B 319 1.66 -30.58 -3.75
N VAL B 320 2.57 -30.09 -2.89
CA VAL B 320 3.18 -30.95 -1.88
C VAL B 320 2.69 -30.67 -0.46
N LEU B 321 1.64 -29.85 -0.38
CA LEU B 321 1.09 -29.42 0.92
C LEU B 321 -0.19 -30.19 1.25
N LYS B 322 -0.26 -30.73 2.46
CA LYS B 322 -1.43 -31.50 2.89
C LYS B 322 -2.67 -30.64 2.91
N GLN B 323 -3.81 -31.24 2.52
CA GLN B 323 -5.07 -30.49 2.45
C GLN B 323 -5.28 -29.69 3.72
N ASP B 324 -4.97 -30.29 4.87
CA ASP B 324 -5.15 -29.62 6.15
C ASP B 324 -3.84 -29.01 6.69
N GLY B 325 -2.87 -28.80 5.80
CA GLY B 325 -1.60 -28.22 6.17
C GLY B 325 -1.53 -26.70 6.01
N LYS B 326 -0.35 -26.15 6.31
CA LYS B 326 -0.11 -24.72 6.21
C LYS B 326 1.19 -24.33 5.57
N TYR B 327 1.13 -23.26 4.79
CA TYR B 327 2.26 -22.68 4.12
C TYR B 327 2.54 -21.35 4.78
N PHE B 328 3.80 -21.08 5.12
CA PHE B 328 4.15 -19.81 5.72
C PHE B 328 5.24 -19.19 4.85
N THR B 329 5.35 -17.87 4.83
CA THR B 329 6.44 -17.24 4.11
C THR B 329 6.59 -15.78 4.55
N GLN B 330 7.65 -15.16 4.09
CA GLN B 330 7.84 -13.74 4.31
C GLN B 330 7.17 -13.02 3.15
N GLY B 331 6.36 -12.02 3.49
CA GLY B 331 5.73 -11.19 2.47
C GLY B 331 6.61 -10.08 1.90
N ASN B 332 6.52 -8.91 2.53
CA ASN B 332 7.33 -7.74 2.17
C ASN B 332 7.25 -6.73 3.31
N CYS B 333 7.97 -5.61 3.20
CA CYS B 333 7.79 -4.55 4.18
C CYS B 333 6.37 -4.00 4.05
N VAL B 334 5.85 -3.45 5.13
CA VAL B 334 4.51 -2.88 5.19
C VAL B 334 4.24 -1.79 4.13
N ASN B 335 5.24 -0.95 3.83
CA ASN B 335 5.00 0.18 2.94
C ASN B 335 5.01 -0.16 1.44
N LEU B 336 5.55 -1.31 1.08
CA LEU B 336 5.52 -1.72 -0.34
C LEU B 336 4.16 -2.35 -0.70
N THR B 337 3.12 -1.51 -0.65
CA THR B 337 1.71 -1.94 -0.83
C THR B 337 1.45 -2.48 -2.24
N GLU B 338 2.01 -1.83 -3.24
CA GLU B 338 1.86 -2.31 -4.63
C GLU B 338 2.48 -3.70 -4.76
N ALA B 339 3.68 -3.87 -4.20
CA ALA B 339 4.34 -5.18 -4.24
C ALA B 339 3.54 -6.24 -3.41
N LEU B 340 2.97 -5.84 -2.27
CA LEU B 340 2.16 -6.79 -1.54
C LEU B 340 0.93 -7.17 -2.36
N SER B 341 0.29 -6.16 -2.93
CA SER B 341 -0.88 -6.38 -3.77
C SER B 341 -0.58 -7.30 -4.96
N LEU B 342 0.52 -7.07 -5.67
CA LEU B 342 0.87 -7.99 -6.78
C LEU B 342 1.19 -9.39 -6.24
N TYR B 343 1.76 -9.49 -5.03
CA TYR B 343 2.04 -10.82 -4.48
C TYR B 343 0.72 -11.59 -4.32
N GLU B 344 -0.34 -10.90 -3.90
CA GLU B 344 -1.64 -11.54 -3.65
C GLU B 344 -2.41 -11.88 -4.93
N GLU B 345 -2.12 -11.19 -6.01
CA GLU B 345 -2.62 -11.66 -7.29
C GLU B 345 -2.16 -13.10 -7.56
N GLN B 346 -0.91 -13.43 -7.18
CA GLN B 346 -0.38 -14.77 -7.45
C GLN B 346 -1.13 -15.83 -6.66
N LEU B 347 -1.57 -15.50 -5.45
CA LEU B 347 -2.35 -16.43 -4.64
C LEU B 347 -3.66 -16.78 -5.31
N GLY B 348 -4.14 -15.90 -6.19
CA GLY B 348 -5.42 -16.12 -6.83
C GLY B 348 -5.24 -16.82 -8.15
N ARG B 349 -3.98 -17.03 -8.53
CA ARG B 349 -3.64 -17.62 -9.81
C ARG B 349 -3.13 -19.08 -9.73
N LEU B 350 -3.51 -19.83 -8.70
CA LEU B 350 -2.91 -21.14 -8.47
C LEU B 350 -3.83 -22.27 -8.93
N TYR B 351 -3.32 -23.48 -9.04
CA TYR B 351 -4.12 -24.60 -9.59
C TYR B 351 -5.30 -24.92 -8.67
N CYS B 352 -5.24 -24.42 -7.43
CA CYS B 352 -6.27 -24.74 -6.45
C CYS B 352 -6.66 -23.49 -5.69
N PRO B 353 -7.89 -23.45 -5.13
CA PRO B 353 -8.25 -22.24 -4.37
C PRO B 353 -7.57 -22.28 -3.04
N VAL B 354 -7.21 -21.10 -2.54
CA VAL B 354 -6.51 -20.97 -1.28
C VAL B 354 -7.07 -19.80 -0.51
N GLU B 355 -6.93 -19.80 0.81
CA GLU B 355 -7.19 -18.62 1.62
C GLU B 355 -5.89 -18.19 2.29
N PHE B 356 -5.87 -16.99 2.86
CA PHE B 356 -4.67 -16.51 3.55
C PHE B 356 -4.91 -15.43 4.61
N SER B 357 -4.02 -15.37 5.60
CA SER B 357 -4.00 -14.31 6.58
C SER B 357 -2.65 -13.60 6.58
N LYS B 358 -2.62 -12.36 7.05
CA LYS B 358 -1.40 -11.57 7.11
C LYS B 358 -1.14 -11.10 8.53
N GLU B 359 0.12 -10.99 8.90
CA GLU B 359 0.46 -10.31 10.13
C GLU B 359 1.72 -9.47 9.96
N ILE B 360 1.70 -8.33 10.66
CA ILE B 360 2.76 -7.37 10.65
C ILE B 360 3.64 -7.61 11.87
N VAL B 361 4.95 -7.68 11.61
CA VAL B 361 5.89 -8.11 12.63
C VAL B 361 7.11 -7.21 12.64
N CYS B 362 7.58 -6.90 13.85
CA CYS B 362 8.75 -6.08 14.01
C CYS B 362 9.95 -6.98 14.19
N VAL B 363 10.80 -6.97 13.17
CA VAL B 363 12.03 -7.76 13.16
C VAL B 363 13.24 -6.85 13.44
N PRO B 364 13.91 -7.05 14.56
CA PRO B 364 14.90 -6.05 15.04
C PRO B 364 15.82 -5.37 14.02
N SER B 365 16.54 -6.12 13.20
CA SER B 365 17.55 -5.48 12.32
C SER B 365 16.98 -4.92 11.00
N TYR B 366 15.65 -5.02 10.83
CA TYR B 366 15.02 -4.75 9.54
C TYR B 366 14.83 -3.26 9.39
N LEU B 367 14.48 -2.57 10.47
CA LEU B 367 14.21 -1.13 10.47
C LEU B 367 13.02 -0.74 9.57
N GLU B 368 12.14 -1.69 9.31
CA GLU B 368 10.86 -1.49 8.61
C GLU B 368 10.03 -2.68 9.06
N LEU B 369 8.77 -2.43 9.39
CA LEU B 369 7.91 -3.53 9.79
C LEU B 369 7.68 -4.43 8.58
N TRP B 370 7.50 -5.71 8.83
CA TRP B 370 7.44 -6.74 7.78
C TRP B 370 6.11 -7.47 7.85
N VAL B 371 5.59 -7.83 6.68
CA VAL B 371 4.36 -8.64 6.59
C VAL B 371 4.70 -10.14 6.36
N PHE B 372 4.12 -11.03 7.16
CA PHE B 372 4.25 -12.47 6.96
C PHE B 372 2.93 -13.13 6.58
N TYR B 373 2.95 -14.02 5.58
CA TYR B 373 1.74 -14.72 5.14
C TYR B 373 1.59 -16.15 5.67
N THR B 374 0.33 -16.52 5.94
CA THR B 374 -0.09 -17.89 6.16
C THR B 374 -1.12 -18.20 5.09
N VAL B 375 -0.83 -19.23 4.29
CA VAL B 375 -1.70 -19.63 3.18
C VAL B 375 -2.21 -21.06 3.43
N TRP B 376 -3.48 -21.30 3.13
CA TRP B 376 -3.98 -22.67 3.23
C TRP B 376 -4.95 -22.96 2.10
N LYS B 377 -5.07 -24.24 1.78
CA LYS B 377 -6.01 -24.69 0.76
C LYS B 377 -7.44 -24.49 1.23
N LYS B 378 -8.27 -23.93 0.35
CA LYS B 378 -9.69 -23.81 0.59
C LYS B 378 -10.28 -25.22 0.71
N ALA B 379 -11.04 -25.44 1.79
CA ALA B 379 -11.67 -26.72 2.07
C ALA B 379 -12.64 -27.02 0.95
N LYS B 380 -12.65 -28.27 0.49
CA LYS B 380 -13.42 -28.69 -0.68
C LYS B 380 -14.93 -28.50 -0.51
N ARG C 20 -17.93 20.54 -28.76
CA ARG C 20 -17.55 19.22 -29.39
C ARG C 20 -16.12 19.18 -29.93
N HIS C 21 -15.26 18.47 -29.21
CA HIS C 21 -13.81 18.42 -29.46
C HIS C 21 -13.39 17.02 -29.90
N SER C 22 -13.02 16.91 -31.18
CA SER C 22 -12.65 15.64 -31.77
C SER C 22 -11.15 15.46 -31.76
N THR C 23 -10.69 14.27 -31.39
CA THR C 23 -9.25 14.01 -31.38
C THR C 23 -8.87 12.84 -32.27
N LEU C 24 -7.67 12.94 -32.85
CA LEU C 24 -7.03 11.85 -33.58
C LEU C 24 -5.52 11.93 -33.35
N ASP C 25 -4.90 10.81 -32.99
CA ASP C 25 -3.47 10.77 -32.67
C ASP C 25 -2.75 9.77 -33.59
N PHE C 26 -1.44 10.01 -33.79
CA PHE C 26 -0.60 9.11 -34.59
C PHE C 26 0.75 8.87 -33.91
N MET C 27 1.10 7.60 -33.70
CA MET C 27 2.34 7.23 -32.94
C MET C 27 3.50 6.70 -33.77
N LEU C 83 5.22 11.14 -33.37
CA LEU C 83 3.92 11.50 -32.83
C LEU C 83 3.31 12.71 -33.53
N VAL C 84 2.08 12.60 -34.02
CA VAL C 84 1.35 13.73 -34.63
C VAL C 84 -0.07 13.83 -34.06
N LEU C 85 -0.40 15.00 -33.50
CA LEU C 85 -1.69 15.23 -32.82
C LEU C 85 -2.56 16.26 -33.52
N LEU C 86 -3.85 15.93 -33.61
CA LEU C 86 -4.83 16.78 -34.30
C LEU C 86 -6.08 17.07 -33.45
N ASP C 87 -6.21 18.31 -33.02
CA ASP C 87 -7.39 18.77 -32.31
C ASP C 87 -8.39 19.29 -33.33
N LEU C 88 -9.68 19.15 -33.01
CA LEU C 88 -10.77 19.74 -33.81
C LEU C 88 -11.93 20.18 -32.91
N GLN C 89 -12.70 21.19 -33.35
CA GLN C 89 -13.64 21.89 -32.48
C GLN C 89 -14.81 22.58 -33.23
N SER C 90 -16.04 22.40 -32.73
CA SER C 90 -17.25 23.09 -33.23
C SER C 90 -18.36 23.13 -32.17
N GLN C 96 -24.98 18.25 -40.06
CA GLN C 96 -24.01 18.62 -41.11
C GLN C 96 -22.68 19.08 -40.52
N GLY C 97 -22.74 19.69 -39.33
CA GLY C 97 -21.53 20.10 -38.63
C GLY C 97 -20.67 18.90 -38.32
N LYS C 98 -21.29 17.90 -37.72
CA LYS C 98 -20.64 16.63 -37.39
C LYS C 98 -20.11 15.96 -38.65
N GLU C 99 -20.96 15.85 -39.66
CA GLU C 99 -20.69 15.07 -40.85
C GLU C 99 -19.54 15.58 -41.70
N GLU C 100 -19.27 16.88 -41.61
CA GLU C 100 -18.13 17.47 -42.29
C GLU C 100 -16.83 17.16 -41.56
N ILE C 101 -16.82 17.33 -40.24
CA ILE C 101 -15.63 17.10 -39.41
C ILE C 101 -15.27 15.63 -39.27
N ASP C 102 -16.27 14.76 -39.11
CA ASP C 102 -16.02 13.33 -39.15
C ASP C 102 -15.46 12.96 -40.53
N SER C 103 -15.80 13.77 -41.54
CA SER C 103 -15.31 13.58 -42.90
C SER C 103 -13.85 13.99 -43.00
N ILE C 104 -13.49 15.14 -42.44
CA ILE C 104 -12.09 15.58 -42.42
C ILE C 104 -11.17 14.52 -41.77
N LEU C 105 -11.58 13.98 -40.62
CA LEU C 105 -10.78 12.99 -39.90
C LEU C 105 -10.44 11.74 -40.72
N ASN C 106 -11.45 11.17 -41.38
CA ASN C 106 -11.21 10.04 -42.29
C ASN C 106 -10.29 10.48 -43.41
N LYS C 107 -10.56 11.67 -43.97
CA LYS C 107 -9.72 12.24 -45.04
C LYS C 107 -8.38 12.76 -44.49
N VAL C 108 -8.02 12.29 -43.29
CA VAL C 108 -6.70 12.56 -42.70
C VAL C 108 -6.05 11.24 -42.30
N GLU C 109 -6.88 10.21 -42.06
CA GLU C 109 -6.35 8.89 -41.75
C GLU C 109 -5.68 8.24 -42.96
N GLU C 110 -6.28 8.42 -44.15
CA GLU C 110 -5.78 7.80 -45.38
C GLU C 110 -4.61 8.53 -46.03
N ARG C 111 -4.46 9.81 -45.72
CA ARG C 111 -3.27 10.58 -46.10
C ARG C 111 -2.06 10.08 -45.29
N MET C 112 -2.33 9.62 -44.07
CA MET C 112 -1.31 9.00 -43.24
C MET C 112 -1.04 7.56 -43.69
N LYS C 113 -1.96 7.03 -44.50
CA LYS C 113 -1.78 5.73 -45.15
C LYS C 113 -1.03 5.90 -46.47
N ARG C 122 0.81 3.67 -35.05
CA ARG C 122 -0.54 3.32 -34.54
C ARG C 122 -1.48 4.54 -34.39
N VAL C 123 -2.78 4.30 -34.54
CA VAL C 123 -3.79 5.37 -34.56
C VAL C 123 -4.77 5.29 -33.37
N LYS C 124 -5.02 6.42 -32.72
CA LYS C 124 -6.02 6.50 -31.65
C LYS C 124 -7.06 7.57 -31.93
N ARG C 125 -8.32 7.15 -32.01
CA ARG C 125 -9.43 8.05 -32.28
C ARG C 125 -10.46 7.93 -31.17
N LEU C 126 -10.24 8.65 -30.07
CA LEU C 126 -11.17 8.62 -28.96
C LEU C 126 -12.55 9.16 -29.35
N PRO C 127 -13.59 8.75 -28.60
CA PRO C 127 -14.86 9.47 -28.76
C PRO C 127 -14.67 10.97 -28.54
N PRO C 128 -15.26 11.80 -29.41
CA PRO C 128 -15.30 13.24 -29.18
C PRO C 128 -15.80 13.58 -27.77
N ILE C 129 -15.17 14.56 -27.14
CA ILE C 129 -15.64 15.10 -25.88
C ILE C 129 -16.54 16.32 -26.15
N VAL C 130 -17.81 16.19 -25.80
CA VAL C 130 -18.72 17.33 -25.83
C VAL C 130 -18.36 18.23 -24.64
N ARG C 131 -18.17 19.50 -24.91
CA ARG C 131 -17.75 20.42 -23.87
C ARG C 131 -18.76 21.56 -23.75
N GLY C 132 -19.39 21.66 -22.59
CA GLY C 132 -20.49 22.61 -22.38
C GLY C 132 -21.85 22.12 -22.86
N GLY C 133 -22.02 20.81 -22.94
CA GLY C 133 -23.32 20.24 -23.27
C GLY C 133 -24.30 20.67 -22.19
N ALA C 134 -25.59 20.51 -22.45
CA ALA C 134 -26.60 20.79 -21.45
C ALA C 134 -26.79 19.54 -20.59
N ILE C 135 -26.51 18.38 -21.17
CA ILE C 135 -26.53 17.15 -20.39
C ILE C 135 -25.09 16.79 -20.04
N ASP C 136 -24.73 16.88 -18.76
CA ASP C 136 -23.36 16.66 -18.37
C ASP C 136 -23.05 15.18 -18.14
N ARG C 137 -22.21 14.65 -19.03
CA ARG C 137 -22.00 13.21 -19.10
C ARG C 137 -20.79 12.72 -18.30
N TYR C 138 -19.84 13.61 -18.07
CA TYR C 138 -18.52 13.21 -17.55
C TYR C 138 -18.36 13.30 -16.03
N TRP C 139 -18.10 12.15 -15.41
CA TRP C 139 -18.08 12.04 -13.95
C TRP C 139 -16.91 11.17 -13.45
N PRO C 140 -15.71 11.75 -13.37
CA PRO C 140 -14.51 10.98 -13.03
C PRO C 140 -14.62 10.13 -11.75
N THR C 141 -13.86 9.03 -11.72
CA THR C 141 -13.87 8.11 -10.60
C THR C 141 -13.24 8.72 -9.35
N ALA C 142 -13.37 8.02 -8.22
CA ALA C 142 -12.66 8.44 -7.02
C ALA C 142 -11.12 8.42 -7.23
N ASP C 143 -10.61 7.41 -7.94
CA ASP C 143 -9.15 7.34 -8.27
C ASP C 143 -8.69 8.21 -9.48
N GLY C 144 -9.55 9.12 -9.93
CA GLY C 144 -9.17 10.18 -10.84
C GLY C 144 -9.16 9.83 -12.33
N ARG C 145 -9.98 8.85 -12.69
CA ARG C 145 -10.08 8.43 -14.09
C ARG C 145 -11.25 9.08 -14.78
N LEU C 146 -10.99 9.62 -15.96
CA LEU C 146 -12.03 10.12 -16.86
C LEU C 146 -12.92 8.99 -17.36
N VAL C 147 -14.21 9.06 -17.01
CA VAL C 147 -15.25 8.13 -17.49
C VAL C 147 -16.51 8.86 -17.92
N GLU C 148 -17.00 8.51 -19.11
CA GLU C 148 -18.23 9.06 -19.68
C GLU C 148 -19.39 8.16 -19.34
N TYR C 149 -20.48 8.72 -18.82
CA TYR C 149 -21.69 7.95 -18.60
C TYR C 149 -22.72 8.13 -19.75
N ASP C 150 -23.55 7.11 -19.98
CA ASP C 150 -24.69 7.18 -20.90
C ASP C 150 -25.83 8.04 -20.32
N ILE C 151 -25.55 9.32 -20.07
CA ILE C 151 -26.57 10.20 -19.55
C ILE C 151 -27.36 10.82 -20.71
N ASP C 152 -28.69 10.67 -20.66
CA ASP C 152 -29.58 11.25 -21.68
C ASP C 152 -30.59 12.27 -21.13
N GLU C 153 -30.55 12.53 -19.82
CA GLU C 153 -31.56 13.37 -19.17
C GLU C 153 -31.10 13.90 -17.82
N VAL C 154 -31.21 15.21 -17.64
CA VAL C 154 -31.06 15.84 -16.35
C VAL C 154 -32.42 15.72 -15.67
N VAL C 155 -32.50 14.85 -14.68
CA VAL C 155 -33.77 14.65 -13.98
C VAL C 155 -33.93 15.61 -12.82
N TYR C 156 -32.85 15.92 -12.11
CA TYR C 156 -32.90 16.85 -10.98
C TYR C 156 -31.55 17.49 -10.74
N ASP C 157 -31.55 18.80 -10.51
CA ASP C 157 -30.30 19.52 -10.28
C ASP C 157 -30.48 20.79 -9.43
N GLU C 158 -30.45 20.64 -8.10
CA GLU C 158 -30.56 21.83 -7.22
C GLU C 158 -29.55 21.83 -6.06
N ASP C 159 -29.12 23.03 -5.64
CA ASP C 159 -28.32 23.21 -4.46
C ASP C 159 -29.25 23.21 -3.24
N SER C 160 -29.08 22.23 -2.36
CA SER C 160 -29.69 22.30 -1.03
C SER C 160 -28.85 23.26 -0.19
N PRO C 161 -29.26 23.51 1.06
CA PRO C 161 -28.31 24.26 1.89
C PRO C 161 -27.02 23.49 2.21
N TYR C 162 -26.98 22.18 1.97
CA TYR C 162 -25.80 21.39 2.36
C TYR C 162 -24.89 20.94 1.22
N GLN C 163 -25.49 20.61 0.08
CA GLN C 163 -24.74 20.05 -1.04
C GLN C 163 -25.51 20.26 -2.32
N ASN C 164 -24.76 20.24 -3.42
CA ASN C 164 -25.36 20.14 -4.74
C ASN C 164 -25.89 18.75 -4.97
N ILE C 165 -27.14 18.67 -5.36
CA ILE C 165 -27.83 17.42 -5.59
C ILE C 165 -28.22 17.27 -7.06
N LYS C 166 -27.51 16.41 -7.80
CA LYS C 166 -27.92 16.06 -9.18
C LYS C 166 -28.60 14.70 -9.23
N ILE C 167 -29.64 14.58 -10.03
CA ILE C 167 -30.12 13.26 -10.46
C ILE C 167 -30.08 13.15 -11.99
N LEU C 168 -29.30 12.21 -12.49
CA LEU C 168 -29.15 12.11 -13.93
C LEU C 168 -29.62 10.75 -14.35
N HIS C 169 -30.31 10.67 -15.48
CA HIS C 169 -30.75 9.37 -16.01
C HIS C 169 -29.71 8.74 -16.94
N SER C 170 -29.36 7.50 -16.59
CA SER C 170 -28.48 6.64 -17.38
C SER C 170 -29.33 5.56 -18.02
N LYS C 171 -29.21 5.42 -19.34
CA LYS C 171 -29.96 4.36 -20.03
C LYS C 171 -29.87 3.04 -19.31
N GLN C 172 -28.65 2.65 -18.96
CA GLN C 172 -28.44 1.29 -18.46
C GLN C 172 -28.59 1.17 -16.96
N PHE C 173 -28.19 2.22 -16.23
CA PHE C 173 -28.16 2.19 -14.76
C PHE C 173 -29.39 2.71 -14.05
N GLY C 174 -30.31 3.32 -14.80
CA GLY C 174 -31.43 4.06 -14.19
C GLY C 174 -31.00 5.47 -13.80
N ASN C 175 -31.77 6.09 -12.91
CA ASN C 175 -31.39 7.40 -12.38
C ASN C 175 -30.21 7.29 -11.43
N ILE C 176 -29.29 8.26 -11.53
CA ILE C 176 -28.06 8.26 -10.71
C ILE C 176 -28.15 9.46 -9.79
N LEU C 177 -28.09 9.19 -8.46
CA LEU C 177 -27.93 10.23 -7.42
C LEU C 177 -26.47 10.59 -7.29
N ILE C 178 -26.18 11.89 -7.40
CA ILE C 178 -24.78 12.37 -7.49
C ILE C 178 -24.62 13.60 -6.62
N LEU C 179 -23.97 13.43 -5.47
CA LEU C 179 -23.88 14.50 -4.49
C LEU C 179 -22.49 15.15 -4.50
N SER C 180 -22.49 16.47 -4.64
CA SER C 180 -21.27 17.24 -4.85
C SER C 180 -20.33 16.60 -5.89
N GLY C 181 -20.89 16.15 -7.03
CA GLY C 181 -20.10 15.57 -8.12
C GLY C 181 -19.62 14.14 -7.88
N ASP C 182 -19.98 13.56 -6.75
CA ASP C 182 -19.59 12.20 -6.39
C ASP C 182 -20.82 11.32 -6.57
N VAL C 183 -20.72 10.34 -7.46
CA VAL C 183 -21.77 9.38 -7.73
C VAL C 183 -22.08 8.61 -6.47
N ASN C 184 -23.32 8.70 -5.99
CA ASN C 184 -23.70 8.04 -4.75
C ASN C 184 -24.43 6.73 -4.92
N LEU C 185 -25.44 6.71 -5.79
CA LEU C 185 -26.14 5.48 -5.99
C LEU C 185 -26.95 5.55 -7.26
N ALA C 186 -27.06 4.44 -7.95
CA ALA C 186 -27.92 4.37 -9.12
C ALA C 186 -28.99 3.35 -8.84
N GLU C 187 -30.09 3.47 -9.57
CA GLU C 187 -31.20 2.51 -9.52
C GLU C 187 -30.73 1.07 -9.81
N SER C 188 -29.60 0.91 -10.49
CA SER C 188 -29.00 -0.43 -10.77
C SER C 188 -28.26 -1.07 -9.60
N ASP C 189 -27.95 -0.26 -8.59
CA ASP C 189 -26.88 -0.57 -7.61
C ASP C 189 -27.37 -1.26 -6.31
N LEU C 190 -28.29 -2.22 -6.43
CA LEU C 190 -28.63 -3.08 -5.29
C LEU C 190 -27.40 -3.75 -4.66
N ALA C 191 -26.31 -3.90 -5.43
CA ALA C 191 -25.09 -4.60 -4.88
C ALA C 191 -24.44 -3.79 -3.76
N TYR C 192 -24.35 -2.48 -3.95
CA TYR C 192 -23.94 -1.57 -2.88
C TYR C 192 -24.69 -1.86 -1.58
N THR C 193 -26.02 -1.81 -1.69
CA THR C 193 -26.91 -1.96 -0.56
C THR C 193 -26.81 -3.32 0.09
N ARG C 194 -26.75 -4.36 -0.73
CA ARG C 194 -26.64 -5.73 -0.21
C ARG C 194 -25.30 -5.90 0.55
N ALA C 195 -24.24 -5.24 0.06
CA ALA C 195 -22.90 -5.36 0.70
C ALA C 195 -22.80 -4.63 2.06
N ILE C 196 -23.33 -3.40 2.10
CA ILE C 196 -23.30 -2.59 3.33
C ILE C 196 -24.34 -3.11 4.33
N MET C 197 -25.07 -4.14 3.95
CA MET C 197 -25.99 -4.76 4.89
C MET C 197 -25.46 -6.12 5.34
N GLY C 198 -24.23 -6.43 4.91
CA GLY C 198 -23.51 -7.62 5.38
C GLY C 198 -23.60 -8.79 4.45
N SER C 199 -23.92 -8.54 3.18
CA SER C 199 -23.85 -9.53 2.11
C SER C 199 -24.67 -10.79 2.35
N GLY C 200 -25.83 -10.65 2.98
CA GLY C 200 -26.76 -11.75 3.15
C GLY C 200 -26.46 -12.61 4.36
N LYS C 201 -25.38 -12.32 5.08
CA LYS C 201 -24.99 -13.07 6.28
C LYS C 201 -25.84 -12.79 7.53
N GLU C 202 -26.47 -11.60 7.60
CA GLU C 202 -27.12 -11.19 8.85
C GLU C 202 -28.62 -11.55 8.98
N ASP C 203 -29.08 -11.71 10.21
CA ASP C 203 -30.51 -11.86 10.50
C ASP C 203 -31.07 -10.60 11.16
N TYR C 204 -31.78 -9.80 10.36
CA TYR C 204 -32.33 -8.55 10.85
C TYR C 204 -33.66 -8.69 11.60
N THR C 205 -34.23 -9.89 11.57
CA THR C 205 -35.53 -10.16 12.16
C THR C 205 -35.55 -9.72 13.61
N GLY C 206 -36.49 -8.86 13.97
CA GLY C 206 -36.64 -8.41 15.36
C GLY C 206 -35.53 -7.53 15.94
N LYS C 207 -34.63 -7.04 15.10
CA LYS C 207 -33.41 -6.30 15.52
C LYS C 207 -33.56 -4.78 15.50
N ASP C 208 -32.79 -4.09 16.34
CA ASP C 208 -32.74 -2.61 16.35
C ASP C 208 -31.61 -2.06 15.47
N VAL C 209 -31.97 -1.17 14.54
CA VAL C 209 -30.98 -0.69 13.58
C VAL C 209 -30.89 0.83 13.50
N LEU C 210 -29.64 1.32 13.47
CA LEU C 210 -29.32 2.74 13.24
C LEU C 210 -28.67 2.89 11.88
N ILE C 211 -29.18 3.80 11.08
CA ILE C 211 -28.56 4.13 9.82
C ILE C 211 -28.15 5.59 9.80
N LEU C 212 -26.88 5.87 9.52
CA LEU C 212 -26.43 7.24 9.34
C LEU C 212 -26.51 7.66 7.87
N GLY C 213 -27.19 8.76 7.59
CA GLY C 213 -27.39 9.21 6.22
C GLY C 213 -28.48 8.41 5.50
N GLY C 214 -28.07 7.64 4.49
CA GLY C 214 -28.97 6.87 3.66
C GLY C 214 -30.18 7.57 3.08
N GLY C 215 -30.01 8.81 2.63
CA GLY C 215 -31.11 9.59 2.07
C GLY C 215 -31.72 9.05 0.79
N ASP C 216 -31.11 8.03 0.19
CA ASP C 216 -31.61 7.53 -1.07
C ASP C 216 -32.67 6.44 -0.88
N GLY C 217 -32.86 6.04 0.38
CA GLY C 217 -33.90 5.08 0.74
C GLY C 217 -33.53 3.65 0.54
N GLY C 218 -32.47 3.44 -0.23
CA GLY C 218 -32.03 2.09 -0.63
C GLY C 218 -32.02 1.04 0.47
N ILE C 219 -31.19 1.29 1.48
CA ILE C 219 -31.09 0.42 2.66
C ILE C 219 -32.43 0.34 3.39
N LEU C 220 -33.04 1.50 3.63
CA LEU C 220 -34.32 1.53 4.35
C LEU C 220 -35.36 0.64 3.66
N CYS C 221 -35.54 0.85 2.37
CA CYS C 221 -36.44 0.01 1.58
C CYS C 221 -36.18 -1.46 1.77
N GLU C 222 -34.90 -1.86 1.77
CA GLU C 222 -34.50 -3.27 1.93
C GLU C 222 -34.52 -3.84 3.35
N ILE C 223 -34.06 -3.10 4.37
CA ILE C 223 -34.16 -3.63 5.74
C ILE C 223 -35.61 -3.84 6.18
N VAL C 224 -36.50 -2.95 5.81
CA VAL C 224 -37.91 -3.05 6.23
C VAL C 224 -38.57 -4.37 5.75
N LYS C 225 -38.29 -4.79 4.52
CA LYS C 225 -38.75 -6.10 4.04
C LYS C 225 -38.41 -7.23 5.03
N LEU C 226 -37.30 -7.07 5.74
CA LEU C 226 -36.75 -8.14 6.57
C LEU C 226 -37.20 -8.10 8.01
N LYS C 227 -38.18 -7.26 8.32
CA LYS C 227 -38.88 -7.31 9.61
C LYS C 227 -38.02 -7.05 10.87
N PRO C 228 -37.31 -5.91 10.90
CA PRO C 228 -36.58 -5.52 12.08
C PRO C 228 -37.56 -5.03 13.13
N LYS C 229 -37.17 -5.00 14.41
CA LYS C 229 -38.03 -4.31 15.37
C LYS C 229 -38.13 -2.82 15.05
N MET C 230 -36.97 -2.15 14.90
CA MET C 230 -36.94 -0.71 14.64
C MET C 230 -35.69 -0.30 13.81
N VAL C 231 -35.90 0.57 12.83
CA VAL C 231 -34.80 1.15 12.08
C VAL C 231 -34.92 2.66 12.20
N THR C 232 -33.87 3.29 12.71
CA THR C 232 -33.85 4.75 12.79
C THR C 232 -32.84 5.23 11.77
N MET C 233 -33.30 6.03 10.81
CA MET C 233 -32.41 6.54 9.78
C MET C 233 -32.21 8.02 9.98
N VAL C 234 -30.95 8.49 9.98
CA VAL C 234 -30.68 9.89 10.31
C VAL C 234 -30.04 10.63 9.13
N GLU C 235 -30.86 11.35 8.37
CA GLU C 235 -30.41 12.01 7.18
C GLU C 235 -30.53 13.50 7.40
N ILE C 236 -29.48 14.24 7.08
CA ILE C 236 -29.48 15.66 7.36
C ILE C 236 -30.21 16.45 6.27
N ASP C 237 -30.38 15.86 5.11
CA ASP C 237 -30.80 16.62 3.96
C ASP C 237 -32.15 16.17 3.42
N GLN C 238 -33.19 16.91 3.81
CA GLN C 238 -34.58 16.73 3.37
C GLN C 238 -34.74 16.68 1.84
N MET C 239 -34.02 17.56 1.16
CA MET C 239 -34.10 17.68 -0.31
C MET C 239 -33.51 16.44 -1.02
N VAL C 240 -32.64 15.70 -0.32
CA VAL C 240 -32.19 14.38 -0.80
C VAL C 240 -33.33 13.39 -0.64
N ILE C 241 -34.00 13.43 0.50
CA ILE C 241 -35.15 12.57 0.69
C ILE C 241 -36.20 12.85 -0.41
N ASP C 242 -36.62 14.10 -0.53
CA ASP C 242 -37.67 14.48 -1.48
C ASP C 242 -37.29 14.16 -2.94
N GLY C 243 -36.05 14.44 -3.34
CA GLY C 243 -35.54 14.05 -4.64
C GLY C 243 -35.59 12.54 -4.93
N CYS C 244 -35.42 11.70 -3.91
CA CYS C 244 -35.35 10.25 -4.12
C CYS C 244 -36.71 9.52 -4.08
N LYS C 245 -37.58 9.95 -3.14
CA LYS C 245 -39.04 9.71 -3.17
C LYS C 245 -39.60 9.88 -4.58
N LYS C 246 -39.27 11.00 -5.19
CA LYS C 246 -39.76 11.37 -6.48
C LYS C 246 -39.06 10.57 -7.58
N TYR C 247 -37.75 10.74 -7.69
CA TYR C 247 -36.99 10.36 -8.86
C TYR C 247 -36.18 9.04 -8.83
N MET C 248 -36.20 8.32 -7.70
CA MET C 248 -35.44 7.07 -7.54
C MET C 248 -36.26 5.90 -6.96
N ARG C 249 -37.53 5.78 -7.31
CA ARG C 249 -38.39 4.80 -6.63
C ARG C 249 -37.94 3.36 -6.83
N LYS C 250 -37.11 3.16 -7.85
CA LYS C 250 -36.48 1.88 -8.09
C LYS C 250 -35.39 1.57 -7.06
N THR C 251 -34.81 2.58 -6.41
CA THR C 251 -34.01 2.24 -5.25
C THR C 251 -34.79 2.23 -3.93
N CYS C 252 -35.73 3.18 -3.74
CA CYS C 252 -36.44 3.32 -2.45
C CYS C 252 -37.88 2.81 -2.32
N GLY C 253 -38.51 2.47 -3.46
CA GLY C 253 -39.91 2.05 -3.43
C GLY C 253 -40.79 3.10 -2.77
N ASP C 254 -41.65 2.66 -1.86
CA ASP C 254 -42.53 3.61 -1.17
C ASP C 254 -42.03 4.07 0.22
N VAL C 255 -41.01 3.39 0.75
CA VAL C 255 -40.51 3.62 2.12
C VAL C 255 -40.33 5.09 2.51
N LEU C 256 -39.99 5.93 1.54
CA LEU C 256 -39.81 7.34 1.82
C LEU C 256 -41.13 8.19 1.75
N ASP C 257 -42.24 7.61 1.31
CA ASP C 257 -43.51 8.35 1.24
C ASP C 257 -44.02 8.78 2.62
N ASN C 258 -43.67 7.98 3.63
CA ASN C 258 -43.89 8.31 5.03
C ASN C 258 -42.60 8.20 5.80
N LEU C 259 -42.21 9.31 6.45
CA LEU C 259 -41.08 9.31 7.35
C LEU C 259 -41.22 8.33 8.53
N LYS C 260 -42.43 7.89 8.83
CA LYS C 260 -42.60 6.89 9.87
C LYS C 260 -43.50 5.68 9.50
N GLY C 261 -43.15 4.52 10.04
CA GLY C 261 -43.83 3.26 9.74
C GLY C 261 -43.85 2.46 11.03
N ASP C 262 -44.38 1.26 11.02
CA ASP C 262 -44.45 0.50 12.29
C ASP C 262 -43.07 0.01 12.73
N CYS C 263 -42.11 -0.05 11.81
CA CYS C 263 -40.77 -0.55 12.16
C CYS C 263 -39.60 0.39 11.77
N TYR C 264 -39.92 1.66 11.49
CA TYR C 264 -38.89 2.65 11.15
C TYR C 264 -39.28 4.09 11.48
N GLN C 265 -38.28 4.90 11.89
CA GLN C 265 -38.36 6.37 11.90
C GLN C 265 -37.20 7.00 11.12
N VAL C 266 -37.52 7.91 10.21
CA VAL C 266 -36.54 8.73 9.58
C VAL C 266 -36.51 10.02 10.38
N LEU C 267 -35.32 10.42 10.80
CA LEU C 267 -35.10 11.70 11.50
C LEU C 267 -34.36 12.64 10.57
N ILE C 268 -34.89 13.84 10.38
CA ILE C 268 -34.23 14.84 9.54
C ILE C 268 -33.36 15.74 10.41
N GLU C 269 -32.18 15.23 10.78
CA GLU C 269 -31.17 16.03 11.47
C GLU C 269 -29.76 15.50 11.26
N ASP C 270 -28.78 16.30 11.66
CA ASP C 270 -27.37 15.93 11.58
C ASP C 270 -27.14 14.70 12.44
N CYS C 271 -26.49 13.68 11.90
CA CYS C 271 -26.32 12.46 12.70
C CYS C 271 -25.38 12.60 13.91
N ILE C 272 -24.50 13.59 13.90
CA ILE C 272 -23.51 13.75 14.97
C ILE C 272 -24.17 14.08 16.33
N PRO C 273 -24.95 15.19 16.42
CA PRO C 273 -25.68 15.43 17.67
C PRO C 273 -26.55 14.24 18.06
N VAL C 274 -27.12 13.56 17.06
CA VAL C 274 -27.94 12.40 17.40
C VAL C 274 -27.12 11.28 18.03
N LEU C 275 -25.98 10.97 17.41
CA LEU C 275 -25.04 10.00 17.98
C LEU C 275 -24.63 10.31 19.41
N LYS C 276 -24.22 11.56 19.67
CA LYS C 276 -23.87 11.99 21.03
C LYS C 276 -25.02 11.86 22.01
N ARG C 277 -26.20 12.32 21.59
CA ARG C 277 -27.42 12.19 22.39
C ARG C 277 -27.62 10.71 22.77
N TYR C 278 -27.63 9.83 21.76
CA TYR C 278 -27.81 8.40 22.00
C TYR C 278 -26.76 7.83 22.92
N ALA C 279 -25.51 8.29 22.78
CA ALA C 279 -24.39 7.81 23.60
C ALA C 279 -24.58 8.31 25.03
N LYS C 280 -24.96 9.58 25.16
CA LYS C 280 -25.31 10.11 26.47
C LYS C 280 -26.36 9.23 27.14
N GLU C 281 -27.44 8.87 26.43
CA GLU C 281 -28.52 8.16 27.12
C GLU C 281 -28.32 6.66 27.22
N GLY C 282 -27.20 6.15 26.71
CA GLY C 282 -26.91 4.72 26.79
C GLY C 282 -27.73 3.85 25.86
N ARG C 283 -28.32 4.45 24.83
CA ARG C 283 -29.03 3.70 23.79
C ARG C 283 -28.06 2.79 23.01
N GLU C 284 -28.55 1.65 22.57
CA GLU C 284 -27.74 0.65 21.89
C GLU C 284 -28.50 -0.08 20.81
N PHE C 285 -27.78 -0.44 19.74
CA PHE C 285 -28.35 -1.03 18.58
C PHE C 285 -27.59 -2.31 18.22
N ASP C 286 -28.29 -3.26 17.60
CA ASP C 286 -27.69 -4.50 17.12
C ASP C 286 -26.81 -4.26 15.90
N TYR C 287 -27.21 -3.30 15.07
CA TYR C 287 -26.41 -2.87 13.92
C TYR C 287 -26.43 -1.37 13.78
N VAL C 288 -25.26 -0.82 13.47
CA VAL C 288 -25.10 0.55 13.02
C VAL C 288 -24.54 0.47 11.61
N ILE C 289 -25.18 1.19 10.68
CA ILE C 289 -24.84 1.15 9.26
C ILE C 289 -24.50 2.54 8.78
N ASN C 290 -23.23 2.78 8.47
CA ASN C 290 -22.78 4.10 8.10
C ASN C 290 -22.90 4.31 6.58
N ASP C 291 -23.97 5.00 6.14
CA ASP C 291 -24.21 5.23 4.71
C ASP C 291 -24.15 6.72 4.39
N LEU C 292 -23.07 7.35 4.84
CA LEU C 292 -22.89 8.76 4.62
C LEU C 292 -22.13 9.01 3.31
N THR C 293 -22.19 10.24 2.83
CA THR C 293 -21.31 10.70 1.78
C THR C 293 -19.84 10.41 2.15
N ALA C 294 -18.98 10.36 1.13
CA ALA C 294 -17.58 10.07 1.32
C ALA C 294 -16.99 11.10 2.31
N VAL C 295 -17.32 12.37 2.12
CA VAL C 295 -17.07 13.42 3.08
C VAL C 295 -18.40 13.72 3.83
N PRO C 296 -18.51 13.31 5.12
CA PRO C 296 -19.70 13.71 5.86
C PRO C 296 -19.92 15.22 5.80
N ILE C 297 -21.18 15.62 5.92
CA ILE C 297 -21.49 17.00 6.00
C ILE C 297 -21.26 17.47 7.44
N SER C 298 -20.50 18.56 7.57
CA SER C 298 -20.31 19.29 8.83
C SER C 298 -21.10 20.62 8.85
N THR C 299 -21.82 20.88 9.95
CA THR C 299 -22.61 22.12 10.11
C THR C 299 -21.75 23.35 10.42
N SER C 300 -20.52 23.09 10.86
CA SER C 300 -19.54 24.08 11.29
C SER C 300 -18.73 24.67 10.15
N PRO C 301 -18.52 26.00 10.18
CA PRO C 301 -17.67 26.73 9.24
C PRO C 301 -16.28 26.09 9.14
N SER C 305 -8.08 16.48 9.95
CA SER C 305 -9.42 16.89 10.36
C SER C 305 -10.49 16.11 9.61
N THR C 306 -10.27 15.82 8.34
CA THR C 306 -11.09 14.91 7.56
C THR C 306 -11.15 13.54 8.26
N TRP C 307 -9.96 13.02 8.54
CA TRP C 307 -9.77 11.74 9.19
C TRP C 307 -10.30 11.71 10.63
N GLU C 308 -10.18 12.82 11.35
CA GLU C 308 -10.67 12.91 12.73
C GLU C 308 -12.19 12.85 12.79
N PHE C 309 -12.83 13.51 11.83
CA PHE C 309 -14.26 13.50 11.72
C PHE C 309 -14.71 12.07 11.50
N LEU C 310 -13.97 11.33 10.66
CA LEU C 310 -14.22 9.90 10.45
C LEU C 310 -13.94 9.07 11.69
N ARG C 311 -12.89 9.42 12.45
CA ARG C 311 -12.61 8.76 13.74
C ARG C 311 -13.74 9.03 14.77
N LEU C 312 -14.20 10.28 14.82
CA LEU C 312 -15.26 10.64 15.71
C LEU C 312 -16.52 9.85 15.40
N ILE C 313 -16.88 9.77 14.12
CA ILE C 313 -18.06 9.01 13.73
C ILE C 313 -17.97 7.52 14.10
N LEU C 314 -16.81 6.91 13.88
CA LEU C 314 -16.60 5.54 14.31
C LEU C 314 -16.71 5.37 15.81
N ASP C 315 -16.15 6.32 16.57
CA ASP C 315 -16.11 6.22 18.04
C ASP C 315 -17.51 6.28 18.63
N LEU C 316 -18.30 7.26 18.19
CA LEU C 316 -19.72 7.38 18.57
C LEU C 316 -20.60 6.18 18.12
N SER C 317 -20.36 5.68 16.91
CA SER C 317 -21.11 4.51 16.44
C SER C 317 -20.84 3.32 17.35
N MET C 318 -19.57 3.16 17.74
CA MET C 318 -19.20 2.06 18.60
C MET C 318 -19.88 2.22 19.96
N LYS C 319 -20.03 3.46 20.41
CA LYS C 319 -20.66 3.70 21.70
C LYS C 319 -22.12 3.25 21.78
N VAL C 320 -22.82 3.35 20.65
CA VAL C 320 -24.23 3.03 20.58
C VAL C 320 -24.43 1.63 20.01
N LEU C 321 -23.30 0.92 19.82
CA LEU C 321 -23.32 -0.46 19.33
C LEU C 321 -23.29 -1.45 20.45
N LYS C 322 -24.23 -2.41 20.45
CA LYS C 322 -24.18 -3.52 21.40
C LYS C 322 -22.87 -4.28 21.25
N GLN C 323 -22.37 -4.87 22.33
CA GLN C 323 -21.11 -5.62 22.34
C GLN C 323 -21.01 -6.66 21.23
N ASP C 324 -22.10 -7.39 20.97
CA ASP C 324 -22.13 -8.45 19.95
C ASP C 324 -22.84 -7.96 18.67
N GLY C 325 -22.95 -6.64 18.51
CA GLY C 325 -23.51 -6.03 17.29
C GLY C 325 -22.50 -5.94 16.14
N LYS C 326 -22.92 -5.40 15.00
CA LYS C 326 -21.97 -5.14 13.89
C LYS C 326 -22.22 -3.81 13.32
N TYR C 327 -21.13 -3.18 12.92
CA TYR C 327 -21.12 -1.94 12.19
C TYR C 327 -20.72 -2.23 10.76
N PHE C 328 -21.50 -1.68 9.82
CA PHE C 328 -21.25 -1.75 8.39
C PHE C 328 -21.03 -0.37 7.80
N THR C 329 -20.09 -0.28 6.86
CA THR C 329 -19.91 0.95 6.11
C THR C 329 -19.33 0.70 4.71
N GLN C 330 -19.38 1.73 3.88
CA GLN C 330 -18.65 1.78 2.64
C GLN C 330 -17.29 2.40 2.93
N GLY C 331 -16.25 1.81 2.35
CA GLY C 331 -14.91 2.29 2.54
C GLY C 331 -14.51 3.32 1.51
N ASN C 332 -13.97 2.81 0.40
CA ASN C 332 -13.49 3.64 -0.72
C ASN C 332 -13.29 2.76 -1.91
N CYS C 333 -12.82 3.35 -3.01
CA CYS C 333 -12.48 2.51 -4.16
C CYS C 333 -11.18 1.76 -3.92
N VAL C 334 -11.15 0.52 -4.40
CA VAL C 334 -10.05 -0.41 -4.16
C VAL C 334 -8.64 0.19 -4.39
N ASN C 335 -8.51 1.14 -5.30
CA ASN C 335 -7.20 1.65 -5.69
C ASN C 335 -6.73 2.81 -4.84
N LEU C 336 -7.63 3.40 -4.04
CA LEU C 336 -7.23 4.48 -3.13
C LEU C 336 -6.55 3.93 -1.87
N THR C 337 -5.46 3.18 -2.03
CA THR C 337 -4.89 2.38 -0.93
C THR C 337 -4.38 3.17 0.30
N GLU C 338 -3.78 4.33 0.06
CA GLU C 338 -3.36 5.19 1.16
C GLU C 338 -4.58 5.66 1.98
N ALA C 339 -5.64 6.07 1.30
CA ALA C 339 -6.90 6.45 1.94
C ALA C 339 -7.55 5.30 2.70
N LEU C 340 -7.59 4.11 2.11
CA LEU C 340 -8.05 2.92 2.85
C LEU C 340 -7.22 2.70 4.13
N SER C 341 -5.93 2.90 3.98
CA SER C 341 -4.97 2.69 5.06
C SER C 341 -5.13 3.78 6.14
N LEU C 342 -5.26 5.04 5.72
CA LEU C 342 -5.53 6.12 6.67
C LEU C 342 -6.87 5.92 7.41
N TYR C 343 -7.86 5.39 6.70
CA TYR C 343 -9.14 5.07 7.34
C TYR C 343 -8.97 4.00 8.38
N GLU C 344 -8.24 2.94 8.04
CA GLU C 344 -7.96 1.85 8.99
C GLU C 344 -7.21 2.25 10.26
N GLU C 345 -6.35 3.28 10.22
CA GLU C 345 -5.74 3.78 11.49
C GLU C 345 -6.78 4.32 12.47
N GLN C 346 -7.87 4.87 11.95
CA GLN C 346 -8.90 5.47 12.83
C GLN C 346 -9.57 4.38 13.65
N LEU C 347 -9.65 3.18 13.05
CA LEU C 347 -10.19 1.99 13.71
C LEU C 347 -9.37 1.59 14.92
N GLY C 348 -8.06 1.83 14.87
CA GLY C 348 -7.20 1.53 16.03
C GLY C 348 -7.05 2.70 17.00
N ARG C 349 -7.94 3.69 16.90
CA ARG C 349 -7.93 4.87 17.74
C ARG C 349 -9.30 5.14 18.41
N LEU C 350 -10.06 4.08 18.64
CA LEU C 350 -11.38 4.21 19.29
C LEU C 350 -11.29 3.85 20.76
N TYR C 351 -12.34 4.17 21.50
CA TYR C 351 -12.33 4.00 22.96
C TYR C 351 -12.25 2.52 23.35
N CYS C 352 -12.64 1.63 22.46
CA CYS C 352 -12.57 0.19 22.71
C CYS C 352 -11.85 -0.48 21.54
N PRO C 353 -11.08 -1.56 21.80
CA PRO C 353 -10.47 -2.22 20.64
C PRO C 353 -11.52 -2.90 19.78
N VAL C 354 -11.31 -2.86 18.47
CA VAL C 354 -12.23 -3.42 17.50
C VAL C 354 -11.54 -4.37 16.53
N GLU C 355 -12.35 -5.18 15.84
CA GLU C 355 -11.86 -6.06 14.76
C GLU C 355 -12.69 -5.76 13.55
N PHE C 356 -12.13 -6.02 12.37
CA PHE C 356 -12.79 -5.68 11.10
C PHE C 356 -12.41 -6.60 9.96
N SER C 357 -13.29 -6.62 8.96
CA SER C 357 -13.08 -7.37 7.73
C SER C 357 -13.51 -6.52 6.54
N LYS C 358 -12.97 -6.89 5.38
CA LYS C 358 -13.15 -6.19 4.13
C LYS C 358 -13.70 -7.11 3.07
N GLU C 359 -14.67 -6.64 2.30
CA GLU C 359 -14.97 -7.31 1.05
C GLU C 359 -15.02 -6.34 -0.13
N ILE C 360 -14.57 -6.83 -1.28
CA ILE C 360 -14.53 -6.02 -2.51
C ILE C 360 -15.76 -6.35 -3.35
N VAL C 361 -16.38 -5.32 -3.91
CA VAL C 361 -17.72 -5.44 -4.47
C VAL C 361 -17.86 -4.60 -5.72
N CYS C 362 -18.61 -5.14 -6.68
CA CYS C 362 -18.82 -4.51 -7.97
C CYS C 362 -20.17 -3.88 -7.98
N VAL C 363 -20.16 -2.55 -7.87
CA VAL C 363 -21.37 -1.74 -7.87
C VAL C 363 -21.51 -1.21 -9.30
N PRO C 364 -22.52 -1.70 -10.05
CA PRO C 364 -22.68 -1.38 -11.47
C PRO C 364 -22.29 0.02 -11.94
N SER C 365 -22.91 1.08 -11.40
CA SER C 365 -22.65 2.48 -11.89
C SER C 365 -21.34 3.16 -11.43
N TYR C 366 -20.62 2.52 -10.51
CA TYR C 366 -19.45 3.15 -9.90
C TYR C 366 -18.30 3.23 -10.87
N LEU C 367 -18.14 2.21 -11.70
CA LEU C 367 -17.03 2.11 -12.69
C LEU C 367 -15.66 2.03 -11.98
N GLU C 368 -15.68 1.43 -10.79
CA GLU C 368 -14.50 1.16 -9.97
C GLU C 368 -14.97 0.24 -8.87
N LEU C 369 -14.17 -0.80 -8.58
CA LEU C 369 -14.50 -1.75 -7.52
C LEU C 369 -14.41 -1.03 -6.19
N TRP C 370 -15.26 -1.45 -5.25
CA TRP C 370 -15.40 -0.70 -4.01
C TRP C 370 -15.28 -1.63 -2.80
N VAL C 371 -14.72 -1.08 -1.72
CA VAL C 371 -14.43 -1.85 -0.48
C VAL C 371 -15.47 -1.51 0.57
N PHE C 372 -16.00 -2.55 1.21
CA PHE C 372 -17.00 -2.40 2.23
C PHE C 372 -16.50 -3.01 3.54
N TYR C 373 -16.61 -2.24 4.62
CA TYR C 373 -16.10 -2.68 5.93
C TYR C 373 -17.16 -3.29 6.84
N THR C 374 -16.72 -4.24 7.63
CA THR C 374 -17.52 -4.82 8.68
C THR C 374 -16.67 -4.67 9.91
N VAL C 375 -17.22 -4.06 10.95
CA VAL C 375 -16.44 -3.76 12.13
C VAL C 375 -17.20 -4.18 13.36
N TRP C 376 -16.53 -4.73 14.34
CA TRP C 376 -17.22 -5.25 15.52
C TRP C 376 -16.30 -5.18 16.74
N LYS C 377 -16.89 -5.28 17.93
CA LYS C 377 -16.09 -5.13 19.16
C LYS C 377 -15.33 -6.40 19.52
N LYS C 378 -14.02 -6.25 19.74
CA LYS C 378 -13.23 -7.35 20.26
C LYS C 378 -13.78 -7.75 21.64
N ALA C 379 -13.89 -9.05 21.90
CA ALA C 379 -14.31 -9.55 23.22
C ALA C 379 -13.58 -8.91 24.42
N LYS C 380 -14.37 -8.47 25.42
CA LYS C 380 -13.89 -7.63 26.54
C LYS C 380 -12.77 -8.17 27.48
N PRO C 381 -13.04 -9.29 28.20
CA PRO C 381 -12.14 -9.63 29.33
C PRO C 381 -10.80 -10.23 28.90
N SER D 19 1.70 16.01 -25.22
CA SER D 19 1.66 14.63 -24.65
C SER D 19 0.51 14.55 -23.63
N ARG D 20 0.52 15.48 -22.67
CA ARG D 20 -0.58 15.67 -21.69
C ARG D 20 -1.51 16.76 -22.19
N HIS D 21 -2.79 16.41 -22.30
CA HIS D 21 -3.80 17.32 -22.83
C HIS D 21 -4.83 17.68 -21.74
N SER D 22 -4.60 18.85 -21.14
CA SER D 22 -5.46 19.43 -20.10
C SER D 22 -6.54 20.34 -20.67
N THR D 23 -7.72 20.30 -20.06
CA THR D 23 -8.88 21.07 -20.51
C THR D 23 -9.50 21.94 -19.40
N LEU D 24 -10.17 23.01 -19.81
CA LEU D 24 -10.96 23.87 -18.91
C LEU D 24 -12.16 24.48 -19.65
N ASP D 25 -13.34 24.24 -19.11
CA ASP D 25 -14.59 24.71 -19.71
C ASP D 25 -15.26 25.66 -18.74
N PHE D 26 -15.59 26.86 -19.22
CA PHE D 26 -16.44 27.73 -18.43
C PHE D 26 -17.78 27.93 -19.12
N MET D 27 -18.86 27.73 -18.36
CA MET D 27 -20.20 28.02 -18.84
C MET D 27 -20.70 29.29 -18.12
N LEU D 28 -20.92 30.35 -18.89
CA LEU D 28 -21.23 31.66 -18.31
C LEU D 28 -22.62 32.21 -18.66
N LEU D 76 -7.25 28.35 -26.29
CA LEU D 76 -8.37 29.15 -25.77
C LEU D 76 -9.39 29.54 -26.84
N ARG D 77 -10.63 29.08 -26.66
CA ARG D 77 -11.74 29.44 -27.54
C ARG D 77 -12.87 30.07 -26.74
N ILE D 78 -13.24 31.28 -27.15
CA ILE D 78 -14.26 32.06 -26.47
C ILE D 78 -15.47 32.18 -27.38
N TYR D 79 -16.52 31.45 -27.03
CA TYR D 79 -17.75 31.43 -27.83
C TYR D 79 -18.48 32.76 -27.73
N PRO D 80 -19.33 33.08 -28.74
CA PRO D 80 -20.15 34.29 -28.68
C PRO D 80 -21.01 34.38 -27.40
N HIS D 81 -21.71 33.29 -27.07
CA HIS D 81 -22.59 33.26 -25.89
C HIS D 81 -21.82 33.08 -24.56
N GLY D 82 -22.12 32.01 -23.84
CA GLY D 82 -21.55 31.77 -22.51
C GLY D 82 -20.25 30.98 -22.48
N LEU D 83 -20.15 30.00 -23.37
CA LEU D 83 -19.05 29.02 -23.35
C LEU D 83 -17.65 29.59 -23.57
N VAL D 84 -16.68 29.15 -22.76
CA VAL D 84 -15.28 29.55 -22.89
C VAL D 84 -14.37 28.34 -22.63
N LEU D 85 -13.83 27.75 -23.69
CA LEU D 85 -12.98 26.55 -23.58
C LEU D 85 -11.49 26.83 -23.65
N LEU D 86 -10.71 26.00 -22.97
CA LEU D 86 -9.27 26.15 -22.95
C LEU D 86 -8.58 24.80 -23.24
N ASP D 87 -7.39 24.87 -23.84
CA ASP D 87 -6.60 23.69 -24.17
C ASP D 87 -5.13 23.89 -23.80
N LEU D 88 -4.43 22.78 -23.59
CA LEU D 88 -3.05 22.81 -23.17
C LEU D 88 -2.32 21.51 -23.47
N GLN D 89 -1.59 21.50 -24.58
CA GLN D 89 -0.72 20.38 -24.92
C GLN D 89 0.61 20.59 -24.19
N SER D 90 1.38 19.51 -24.03
CA SER D 90 2.71 19.59 -23.44
C SER D 90 3.58 18.41 -23.87
N ARG D 122 -20.20 27.40 -13.40
CA ARG D 122 -20.54 26.07 -13.89
C ARG D 122 -19.36 25.38 -14.58
N VAL D 123 -18.18 25.55 -13.99
CA VAL D 123 -16.90 25.03 -14.51
C VAL D 123 -16.85 23.51 -14.63
N LYS D 124 -16.08 23.01 -15.60
CA LYS D 124 -15.72 21.60 -15.70
C LYS D 124 -14.22 21.47 -15.96
N ARG D 125 -13.53 20.71 -15.11
CA ARG D 125 -12.10 20.48 -15.25
C ARG D 125 -11.76 18.99 -15.26
N LEU D 126 -12.00 18.34 -16.41
CA LEU D 126 -11.73 16.92 -16.59
C LEU D 126 -10.29 16.48 -16.35
N PRO D 127 -10.09 15.19 -15.98
CA PRO D 127 -8.72 14.72 -15.85
C PRO D 127 -8.04 14.80 -17.20
N PRO D 128 -6.80 15.34 -17.25
CA PRO D 128 -6.06 15.43 -18.50
C PRO D 128 -5.92 14.06 -19.17
N ILE D 129 -6.12 14.05 -20.48
CA ILE D 129 -5.87 12.90 -21.31
C ILE D 129 -4.40 12.88 -21.75
N VAL D 130 -3.78 11.70 -21.72
CA VAL D 130 -2.44 11.52 -22.26
C VAL D 130 -2.57 10.98 -23.67
N ARG D 131 -2.01 11.71 -24.62
CA ARG D 131 -2.04 11.32 -26.00
C ARG D 131 -0.66 10.82 -26.39
N GLY D 132 -0.60 9.55 -26.78
CA GLY D 132 0.67 8.95 -27.19
C GLY D 132 1.48 8.27 -26.09
N GLY D 133 0.88 8.09 -24.91
CA GLY D 133 1.54 7.37 -23.83
C GLY D 133 1.92 5.96 -24.27
N ALA D 134 3.03 5.45 -23.75
CA ALA D 134 3.52 4.09 -24.00
C ALA D 134 2.62 3.01 -23.40
N ILE D 135 1.86 3.37 -22.36
CA ILE D 135 0.86 2.48 -21.76
C ILE D 135 -0.55 3.06 -22.02
N ASP D 136 -1.26 2.46 -22.97
CA ASP D 136 -2.53 2.98 -23.49
C ASP D 136 -3.66 2.61 -22.52
N ARG D 137 -4.29 3.63 -21.93
CA ARG D 137 -5.25 3.38 -20.86
C ARG D 137 -6.69 3.48 -21.31
N TYR D 138 -6.92 3.93 -22.55
CA TYR D 138 -8.24 4.40 -22.96
C TYR D 138 -8.97 3.42 -23.85
N TRP D 139 -9.93 2.70 -23.28
CA TRP D 139 -10.57 1.63 -24.06
C TRP D 139 -12.06 1.80 -24.22
N PRO D 140 -12.47 2.59 -25.23
CA PRO D 140 -13.88 2.92 -25.48
C PRO D 140 -14.82 1.74 -25.38
N THR D 141 -15.97 1.97 -24.71
CA THR D 141 -17.01 0.99 -24.53
C THR D 141 -17.68 0.69 -25.88
N ALA D 142 -18.45 -0.39 -25.93
CA ALA D 142 -19.12 -0.77 -27.18
C ALA D 142 -20.07 0.34 -27.70
N ASP D 143 -20.77 1.01 -26.80
CA ASP D 143 -21.71 2.06 -27.21
C ASP D 143 -21.02 3.37 -27.51
N GLY D 144 -19.68 3.31 -27.59
CA GLY D 144 -18.88 4.44 -28.00
C GLY D 144 -18.58 5.45 -26.93
N ARG D 145 -18.56 5.04 -25.66
CA ARG D 145 -18.16 5.94 -24.56
C ARG D 145 -16.66 5.92 -24.20
N LEU D 146 -16.14 7.11 -23.96
CA LEU D 146 -14.76 7.28 -23.56
C LEU D 146 -14.59 6.86 -22.10
N VAL D 147 -13.83 5.78 -21.88
CA VAL D 147 -13.49 5.34 -20.52
C VAL D 147 -12.01 5.08 -20.35
N GLU D 148 -11.45 5.69 -19.32
CA GLU D 148 -10.09 5.38 -18.90
C GLU D 148 -10.05 4.27 -17.85
N TYR D 149 -9.22 3.26 -18.11
CA TYR D 149 -8.92 2.19 -17.16
C TYR D 149 -7.66 2.46 -16.33
N ASP D 150 -7.61 1.82 -15.15
CA ASP D 150 -6.44 1.85 -14.28
C ASP D 150 -5.36 0.87 -14.75
N ILE D 151 -4.91 1.05 -16.00
CA ILE D 151 -3.89 0.20 -16.60
C ILE D 151 -2.51 0.76 -16.27
N ASP D 152 -1.58 -0.10 -15.87
CA ASP D 152 -0.24 0.35 -15.51
C ASP D 152 0.84 -0.54 -16.09
N GLU D 153 0.49 -1.37 -17.08
CA GLU D 153 1.50 -2.24 -17.72
C GLU D 153 0.98 -2.91 -18.96
N VAL D 154 1.72 -2.77 -20.05
CA VAL D 154 1.49 -3.59 -21.24
C VAL D 154 2.14 -4.96 -20.96
N VAL D 155 1.35 -5.94 -20.57
CA VAL D 155 1.91 -7.27 -20.24
C VAL D 155 2.29 -8.04 -21.51
N TYR D 156 1.48 -7.89 -22.55
CA TYR D 156 1.63 -8.63 -23.80
C TYR D 156 0.98 -7.84 -24.91
N ASP D 157 1.68 -7.70 -26.04
CA ASP D 157 1.15 -6.99 -27.20
C ASP D 157 1.74 -7.51 -28.51
N GLU D 158 1.07 -8.46 -29.13
CA GLU D 158 1.56 -9.05 -30.36
C GLU D 158 0.45 -9.19 -31.40
N ASP D 159 0.82 -9.10 -32.68
CA ASP D 159 -0.11 -9.35 -33.76
C ASP D 159 0.03 -10.82 -34.16
N SER D 160 -1.03 -11.60 -33.99
CA SER D 160 -1.05 -12.94 -34.56
C SER D 160 -1.50 -12.88 -36.03
N PRO D 161 -1.60 -14.04 -36.70
CA PRO D 161 -2.13 -13.98 -38.09
C PRO D 161 -3.59 -13.51 -38.14
N TYR D 162 -4.33 -13.66 -37.04
CA TYR D 162 -5.77 -13.34 -37.02
C TYR D 162 -6.17 -11.97 -36.45
N GLN D 163 -5.54 -11.56 -35.36
CA GLN D 163 -5.94 -10.31 -34.69
C GLN D 163 -4.79 -9.73 -33.87
N ASN D 164 -4.90 -8.47 -33.47
CA ASN D 164 -4.04 -7.92 -32.42
C ASN D 164 -4.44 -8.45 -31.05
N ILE D 165 -3.46 -8.86 -30.26
CA ILE D 165 -3.73 -9.44 -28.94
C ILE D 165 -3.01 -8.61 -27.88
N LYS D 166 -3.77 -7.90 -27.05
CA LYS D 166 -3.19 -7.18 -25.93
C LYS D 166 -3.60 -7.79 -24.61
N ILE D 167 -2.66 -7.87 -23.68
CA ILE D 167 -2.97 -8.19 -22.28
C ILE D 167 -2.37 -7.07 -21.44
N LEU D 168 -3.25 -6.29 -20.82
CA LEU D 168 -2.85 -5.11 -20.06
C LEU D 168 -3.25 -5.31 -18.61
N HIS D 169 -2.38 -4.88 -17.71
CA HIS D 169 -2.64 -5.07 -16.31
C HIS D 169 -3.43 -3.93 -15.69
N SER D 170 -4.55 -4.26 -15.05
CA SER D 170 -5.32 -3.29 -14.27
C SER D 170 -5.13 -3.59 -12.78
N LYS D 171 -4.95 -2.53 -11.99
CA LYS D 171 -4.74 -2.67 -10.54
C LYS D 171 -5.95 -3.41 -9.92
N GLN D 172 -7.15 -2.96 -10.25
CA GLN D 172 -8.39 -3.51 -9.66
C GLN D 172 -8.92 -4.75 -10.40
N PHE D 173 -8.75 -4.82 -11.74
CA PHE D 173 -9.30 -5.95 -12.50
C PHE D 173 -8.33 -7.13 -12.75
N GLY D 174 -7.03 -6.96 -12.44
CA GLY D 174 -6.06 -7.97 -12.86
C GLY D 174 -5.73 -7.81 -14.34
N ASN D 175 -5.31 -8.89 -14.99
CA ASN D 175 -4.92 -8.77 -16.39
C ASN D 175 -6.12 -8.73 -17.31
N ILE D 176 -6.11 -7.83 -18.28
CA ILE D 176 -7.24 -7.73 -19.21
C ILE D 176 -6.83 -8.10 -20.64
N LEU D 177 -7.47 -9.12 -21.19
CA LEU D 177 -7.31 -9.50 -22.59
C LEU D 177 -8.16 -8.58 -23.47
N ILE D 178 -7.52 -7.95 -24.45
CA ILE D 178 -8.17 -7.03 -25.35
C ILE D 178 -7.81 -7.49 -26.76
N LEU D 179 -8.81 -7.93 -27.51
CA LEU D 179 -8.60 -8.47 -28.86
C LEU D 179 -9.12 -7.50 -29.88
N SER D 180 -8.31 -7.13 -30.86
CA SER D 180 -8.64 -6.07 -31.85
C SER D 180 -9.19 -4.78 -31.24
N GLY D 181 -8.70 -4.39 -30.07
CA GLY D 181 -9.14 -3.14 -29.45
C GLY D 181 -10.39 -3.23 -28.59
N ASP D 182 -10.96 -4.41 -28.48
CA ASP D 182 -12.19 -4.60 -27.73
C ASP D 182 -11.90 -5.43 -26.48
N VAL D 183 -12.28 -4.93 -25.31
CA VAL D 183 -12.04 -5.65 -24.06
C VAL D 183 -12.79 -6.96 -24.08
N ASN D 184 -12.07 -8.08 -24.08
CA ASN D 184 -12.70 -9.40 -24.06
C ASN D 184 -12.96 -10.01 -22.65
N LEU D 185 -11.94 -10.05 -21.80
CA LEU D 185 -12.11 -10.55 -20.46
C LEU D 185 -10.99 -10.06 -19.58
N ALA D 186 -11.34 -9.82 -18.31
CA ALA D 186 -10.40 -9.53 -17.27
C ALA D 186 -10.41 -10.69 -16.28
N GLU D 187 -9.30 -10.82 -15.53
CA GLU D 187 -9.22 -11.87 -14.51
C GLU D 187 -10.28 -11.67 -13.44
N SER D 188 -10.84 -10.47 -13.37
CA SER D 188 -11.89 -10.24 -12.39
C SER D 188 -13.25 -10.71 -12.87
N ASP D 189 -13.39 -11.05 -14.17
CA ASP D 189 -14.73 -11.23 -14.76
C ASP D 189 -15.32 -12.62 -14.77
N LEU D 190 -15.20 -13.34 -13.66
CA LEU D 190 -15.90 -14.62 -13.47
C LEU D 190 -17.42 -14.51 -13.75
N ALA D 191 -17.98 -13.33 -13.54
CA ALA D 191 -19.42 -13.10 -13.74
C ALA D 191 -19.86 -13.39 -15.20
N TYR D 192 -19.03 -13.00 -16.17
CA TYR D 192 -19.28 -13.30 -17.58
C TYR D 192 -19.41 -14.82 -17.82
N THR D 193 -18.42 -15.55 -17.33
CA THR D 193 -18.37 -16.99 -17.51
C THR D 193 -19.58 -17.67 -16.89
N ARG D 194 -19.92 -17.28 -15.68
CA ARG D 194 -21.07 -17.82 -14.95
C ARG D 194 -22.38 -17.63 -15.75
N ALA D 195 -22.59 -16.41 -16.24
CA ALA D 195 -23.80 -16.10 -17.02
C ALA D 195 -23.82 -16.87 -18.35
N ILE D 196 -22.72 -16.83 -19.10
CA ILE D 196 -22.63 -17.53 -20.40
C ILE D 196 -22.72 -19.06 -20.19
N MET D 197 -22.67 -19.49 -18.94
CA MET D 197 -22.90 -20.91 -18.62
C MET D 197 -24.33 -21.17 -18.12
N GLY D 198 -25.14 -20.11 -18.11
CA GLY D 198 -26.55 -20.21 -17.75
C GLY D 198 -26.86 -19.81 -16.32
N SER D 199 -25.91 -19.18 -15.64
CA SER D 199 -26.08 -18.68 -14.28
C SER D 199 -26.45 -19.75 -13.26
N GLY D 200 -25.69 -20.85 -13.26
CA GLY D 200 -25.87 -21.90 -12.26
C GLY D 200 -27.12 -22.78 -12.37
N LYS D 201 -27.91 -22.62 -13.43
CA LYS D 201 -29.16 -23.39 -13.59
C LYS D 201 -28.98 -24.75 -14.29
N GLU D 202 -27.88 -24.92 -14.98
CA GLU D 202 -27.66 -26.15 -15.72
C GLU D 202 -26.79 -27.13 -14.94
N ASP D 203 -27.15 -28.40 -15.07
CA ASP D 203 -26.30 -29.47 -14.56
C ASP D 203 -25.51 -29.98 -15.75
N TYR D 204 -24.20 -29.83 -15.68
CA TYR D 204 -23.35 -30.25 -16.79
C TYR D 204 -22.88 -31.71 -16.66
N THR D 205 -23.09 -32.33 -15.50
CA THR D 205 -22.83 -33.76 -15.26
C THR D 205 -23.11 -34.66 -16.48
N GLY D 206 -22.07 -35.30 -17.01
CA GLY D 206 -22.25 -36.27 -18.11
C GLY D 206 -22.64 -35.67 -19.45
N LYS D 207 -22.77 -34.35 -19.48
CA LYS D 207 -23.24 -33.64 -20.66
C LYS D 207 -22.15 -33.50 -21.73
N ASP D 208 -22.55 -32.96 -22.88
CA ASP D 208 -21.66 -32.88 -24.03
C ASP D 208 -21.73 -31.48 -24.57
N VAL D 209 -20.59 -30.80 -24.54
CA VAL D 209 -20.58 -29.36 -24.75
C VAL D 209 -19.66 -29.02 -25.90
N LEU D 210 -20.12 -28.11 -26.76
CA LEU D 210 -19.25 -27.50 -27.72
C LEU D 210 -19.04 -26.02 -27.36
N ILE D 211 -17.77 -25.61 -27.20
CA ILE D 211 -17.42 -24.20 -26.98
C ILE D 211 -16.83 -23.63 -28.26
N LEU D 212 -17.37 -22.49 -28.69
CA LEU D 212 -16.86 -21.81 -29.87
C LEU D 212 -15.97 -20.64 -29.42
N GLY D 213 -14.75 -20.56 -29.95
CA GLY D 213 -13.78 -19.60 -29.43
C GLY D 213 -13.32 -20.03 -28.03
N GLY D 214 -13.35 -19.12 -27.05
CA GLY D 214 -13.04 -19.45 -25.66
C GLY D 214 -11.56 -19.44 -25.32
N GLY D 215 -10.76 -18.85 -26.22
CA GLY D 215 -9.31 -18.70 -26.08
C GLY D 215 -8.79 -18.33 -24.70
N ASP D 216 -9.64 -17.70 -23.89
CA ASP D 216 -9.23 -17.27 -22.55
C ASP D 216 -9.27 -18.40 -21.53
N GLY D 217 -9.90 -19.51 -21.92
CA GLY D 217 -9.99 -20.71 -21.10
C GLY D 217 -10.92 -20.59 -19.90
N GLY D 218 -11.65 -19.48 -19.82
CA GLY D 218 -12.49 -19.24 -18.66
C GLY D 218 -13.57 -20.27 -18.51
N ILE D 219 -14.33 -20.49 -19.57
CA ILE D 219 -15.45 -21.43 -19.55
C ILE D 219 -14.93 -22.87 -19.41
N LEU D 220 -13.92 -23.20 -20.20
CA LEU D 220 -13.30 -24.50 -20.13
C LEU D 220 -12.77 -24.80 -18.73
N CYS D 221 -12.08 -23.82 -18.14
CA CYS D 221 -11.58 -23.99 -16.76
C CYS D 221 -12.71 -24.33 -15.82
N GLU D 222 -13.80 -23.58 -15.91
CA GLU D 222 -14.96 -23.78 -15.03
C GLU D 222 -15.77 -25.03 -15.33
N ILE D 223 -16.07 -25.27 -16.61
CA ILE D 223 -16.93 -26.40 -17.03
C ILE D 223 -16.32 -27.72 -16.62
N VAL D 224 -15.01 -27.83 -16.79
CA VAL D 224 -14.26 -29.04 -16.50
C VAL D 224 -14.33 -29.46 -15.03
N LYS D 225 -14.61 -28.50 -14.13
CA LYS D 225 -14.73 -28.77 -12.70
C LYS D 225 -16.09 -29.34 -12.39
N LEU D 226 -16.94 -29.47 -13.41
CA LEU D 226 -18.34 -29.85 -13.21
C LEU D 226 -18.61 -31.30 -13.64
N LYS D 227 -17.55 -32.01 -14.00
CA LYS D 227 -17.61 -33.43 -14.37
C LYS D 227 -18.46 -33.68 -15.62
N PRO D 228 -18.18 -32.96 -16.73
CA PRO D 228 -18.88 -33.23 -17.97
C PRO D 228 -18.41 -34.53 -18.62
N LYS D 229 -19.16 -35.04 -19.59
CA LYS D 229 -18.66 -36.17 -20.35
C LYS D 229 -17.60 -35.69 -21.34
N MET D 230 -17.93 -34.66 -22.11
CA MET D 230 -16.98 -34.16 -23.12
C MET D 230 -17.22 -32.72 -23.45
N VAL D 231 -16.16 -31.93 -23.30
CA VAL D 231 -16.18 -30.54 -23.68
C VAL D 231 -15.21 -30.41 -24.84
N THR D 232 -15.67 -29.76 -25.91
CA THR D 232 -14.89 -29.61 -27.10
C THR D 232 -14.76 -28.12 -27.39
N MET D 233 -13.53 -27.61 -27.37
CA MET D 233 -13.28 -26.19 -27.62
C MET D 233 -12.57 -25.95 -28.95
N VAL D 234 -13.14 -25.08 -29.76
CA VAL D 234 -12.58 -24.78 -31.08
C VAL D 234 -12.11 -23.34 -31.18
N GLU D 235 -10.81 -23.16 -31.06
CA GLU D 235 -10.22 -21.84 -31.05
C GLU D 235 -9.30 -21.67 -32.24
N ILE D 236 -9.54 -20.60 -33.00
CA ILE D 236 -8.76 -20.32 -34.20
C ILE D 236 -7.30 -19.91 -33.86
N ASP D 237 -7.12 -19.18 -32.76
CA ASP D 237 -5.87 -18.52 -32.50
C ASP D 237 -5.08 -19.13 -31.34
N GLN D 238 -4.18 -20.07 -31.65
CA GLN D 238 -3.18 -20.61 -30.69
C GLN D 238 -2.50 -19.53 -29.81
N MET D 239 -2.23 -18.38 -30.40
CA MET D 239 -1.51 -17.33 -29.69
C MET D 239 -2.35 -16.66 -28.59
N VAL D 240 -3.68 -16.65 -28.75
CA VAL D 240 -4.58 -16.24 -27.67
C VAL D 240 -4.42 -17.20 -26.52
N ILE D 241 -4.47 -18.51 -26.79
CA ILE D 241 -4.30 -19.55 -25.77
C ILE D 241 -2.95 -19.43 -25.03
N ASP D 242 -1.86 -19.33 -25.81
CA ASP D 242 -0.50 -19.19 -25.27
C ASP D 242 -0.38 -18.00 -24.31
N GLY D 243 -0.87 -16.83 -24.73
CA GLY D 243 -0.90 -15.66 -23.87
C GLY D 243 -1.78 -15.78 -22.63
N CYS D 244 -2.93 -16.44 -22.74
CA CYS D 244 -3.81 -16.58 -21.59
C CYS D 244 -3.30 -17.58 -20.54
N LYS D 245 -2.80 -18.72 -21.03
CA LYS D 245 -2.13 -19.76 -20.26
C LYS D 245 -1.07 -19.19 -19.29
N LYS D 246 -0.38 -18.19 -19.81
CA LYS D 246 0.76 -17.58 -19.20
C LYS D 246 0.32 -16.42 -18.31
N TYR D 247 -0.61 -15.59 -18.80
CA TYR D 247 -0.91 -14.33 -18.12
C TYR D 247 -2.31 -14.18 -17.47
N MET D 248 -3.19 -15.17 -17.63
CA MET D 248 -4.59 -15.04 -17.18
C MET D 248 -5.03 -16.25 -16.39
N ARG D 249 -4.12 -16.79 -15.59
CA ARG D 249 -4.36 -18.03 -14.86
C ARG D 249 -5.46 -17.85 -13.83
N LYS D 250 -5.79 -16.62 -13.50
CA LYS D 250 -6.92 -16.45 -12.63
C LYS D 250 -8.21 -16.84 -13.34
N THR D 251 -8.28 -16.59 -14.66
CA THR D 251 -9.46 -16.98 -15.40
C THR D 251 -9.41 -18.46 -15.79
N CYS D 252 -8.25 -18.93 -16.24
CA CYS D 252 -8.15 -20.24 -16.92
C CYS D 252 -7.42 -21.31 -16.14
N GLY D 253 -6.82 -20.93 -15.00
CA GLY D 253 -6.05 -21.83 -14.15
C GLY D 253 -5.00 -22.62 -14.92
N ASP D 254 -5.01 -23.94 -14.75
CA ASP D 254 -4.09 -24.80 -15.48
C ASP D 254 -4.70 -25.47 -16.73
N VAL D 255 -5.98 -25.21 -17.00
CA VAL D 255 -6.74 -25.94 -18.00
C VAL D 255 -6.17 -25.89 -19.43
N LEU D 256 -5.49 -24.81 -19.77
CA LEU D 256 -4.90 -24.59 -21.11
C LEU D 256 -3.44 -25.10 -21.19
N ASP D 257 -3.00 -25.77 -20.13
CA ASP D 257 -1.65 -26.29 -20.07
C ASP D 257 -1.56 -27.55 -20.95
N ASN D 258 -2.69 -28.25 -21.09
CA ASN D 258 -2.80 -29.45 -21.92
C ASN D 258 -4.02 -29.28 -22.83
N LEU D 259 -3.82 -29.45 -24.14
CA LEU D 259 -4.92 -29.38 -25.10
C LEU D 259 -5.93 -30.52 -24.90
N LYS D 260 -5.44 -31.62 -24.33
CA LYS D 260 -6.25 -32.81 -24.08
C LYS D 260 -6.32 -33.08 -22.59
N GLY D 261 -7.46 -33.61 -22.16
CA GLY D 261 -7.64 -34.02 -20.78
C GLY D 261 -8.73 -35.07 -20.65
N ASP D 262 -8.94 -35.57 -19.43
CA ASP D 262 -9.98 -36.58 -19.24
C ASP D 262 -11.27 -36.23 -20.01
N CYS D 263 -11.80 -35.03 -19.80
CA CYS D 263 -13.13 -34.71 -20.29
C CYS D 263 -13.19 -33.51 -21.25
N TYR D 264 -12.06 -33.20 -21.90
CA TYR D 264 -12.02 -32.07 -22.84
C TYR D 264 -11.03 -32.23 -24.01
N GLN D 265 -11.30 -31.47 -25.08
CA GLN D 265 -10.43 -31.39 -26.25
C GLN D 265 -10.47 -29.97 -26.83
N VAL D 266 -9.33 -29.30 -26.78
CA VAL D 266 -9.17 -28.05 -27.50
C VAL D 266 -8.72 -28.36 -28.93
N LEU D 267 -9.37 -27.74 -29.92
CA LEU D 267 -9.01 -27.92 -31.32
C LEU D 267 -8.58 -26.58 -31.85
N ILE D 268 -7.44 -26.54 -32.52
CA ILE D 268 -6.96 -25.27 -33.04
C ILE D 268 -7.40 -25.09 -34.51
N GLU D 269 -8.70 -24.87 -34.69
CA GLU D 269 -9.32 -24.63 -35.99
C GLU D 269 -10.27 -23.42 -36.00
N ASP D 270 -10.45 -22.83 -37.18
CA ASP D 270 -11.62 -22.03 -37.46
C ASP D 270 -12.84 -22.91 -37.16
N CYS D 271 -13.88 -22.33 -36.55
CA CYS D 271 -14.96 -23.13 -36.04
C CYS D 271 -16.03 -23.36 -37.10
N ILE D 272 -16.02 -22.52 -38.14
CA ILE D 272 -16.95 -22.64 -39.27
C ILE D 272 -16.88 -24.02 -39.96
N PRO D 273 -15.72 -24.36 -40.58
CA PRO D 273 -15.60 -25.74 -41.11
C PRO D 273 -15.70 -26.87 -40.09
N VAL D 274 -15.47 -26.62 -38.80
CA VAL D 274 -15.66 -27.67 -37.77
C VAL D 274 -17.14 -27.95 -37.52
N LEU D 275 -17.96 -26.89 -37.57
CA LEU D 275 -19.40 -27.00 -37.38
C LEU D 275 -19.97 -27.70 -38.60
N LYS D 276 -19.54 -27.23 -39.78
CA LYS D 276 -19.88 -27.85 -41.06
C LYS D 276 -19.63 -29.36 -41.05
N ARG D 277 -18.52 -29.78 -40.45
CA ARG D 277 -18.16 -31.21 -40.41
C ARG D 277 -19.04 -31.98 -39.43
N TYR D 278 -19.25 -31.46 -38.23
CA TYR D 278 -20.17 -32.06 -37.27
C TYR D 278 -21.58 -32.24 -37.81
N ALA D 279 -22.03 -31.32 -38.65
CA ALA D 279 -23.35 -31.42 -39.28
C ALA D 279 -23.30 -32.53 -40.29
N LYS D 280 -22.26 -32.49 -41.13
CA LYS D 280 -22.04 -33.50 -42.17
C LYS D 280 -21.90 -34.91 -41.58
N GLU D 281 -21.43 -35.03 -40.34
CA GLU D 281 -21.29 -36.35 -39.72
C GLU D 281 -22.38 -36.71 -38.68
N GLY D 282 -23.35 -35.81 -38.49
CA GLY D 282 -24.50 -36.06 -37.64
C GLY D 282 -24.26 -35.97 -36.14
N ARG D 283 -23.15 -35.33 -35.74
CA ARG D 283 -22.83 -35.15 -34.32
C ARG D 283 -23.73 -34.09 -33.69
N GLU D 284 -24.22 -34.38 -32.49
CA GLU D 284 -25.05 -33.45 -31.73
C GLU D 284 -24.45 -33.15 -30.35
N PHE D 285 -24.82 -32.01 -29.78
CA PHE D 285 -24.31 -31.60 -28.48
C PHE D 285 -25.47 -31.21 -27.57
N ASP D 286 -25.32 -31.41 -26.27
CA ASP D 286 -26.27 -30.89 -25.29
C ASP D 286 -26.21 -29.37 -25.21
N TYR D 287 -24.99 -28.83 -25.24
CA TYR D 287 -24.83 -27.39 -25.16
C TYR D 287 -23.90 -26.89 -26.25
N VAL D 288 -24.29 -25.77 -26.84
CA VAL D 288 -23.40 -25.02 -27.69
C VAL D 288 -23.23 -23.70 -27.00
N ILE D 289 -21.96 -23.33 -26.80
CA ILE D 289 -21.66 -22.07 -26.15
C ILE D 289 -20.84 -21.22 -27.11
N ASN D 290 -21.44 -20.16 -27.61
CA ASN D 290 -20.74 -19.31 -28.53
C ASN D 290 -19.97 -18.27 -27.71
N ASP D 291 -18.64 -18.42 -27.64
CA ASP D 291 -17.79 -17.47 -26.94
C ASP D 291 -16.78 -16.82 -27.89
N LEU D 292 -17.27 -16.37 -29.05
CA LEU D 292 -16.42 -15.79 -30.07
C LEU D 292 -16.31 -14.30 -29.85
N THR D 293 -15.26 -13.69 -30.42
CA THR D 293 -15.16 -12.23 -30.46
C THR D 293 -16.51 -11.65 -30.94
N ALA D 294 -16.74 -10.36 -30.67
CA ALA D 294 -17.96 -9.66 -31.10
C ALA D 294 -18.10 -9.76 -32.64
N VAL D 295 -17.01 -9.48 -33.35
CA VAL D 295 -16.87 -9.74 -34.78
C VAL D 295 -16.03 -11.02 -34.95
N PRO D 296 -16.69 -12.15 -35.27
CA PRO D 296 -15.97 -13.41 -35.45
C PRO D 296 -14.97 -13.31 -36.58
N ILE D 297 -13.87 -14.05 -36.44
CA ILE D 297 -12.76 -13.94 -37.37
C ILE D 297 -13.07 -14.72 -38.66
N SER D 298 -12.71 -14.13 -39.79
CA SER D 298 -12.92 -14.76 -41.08
C SER D 298 -11.68 -14.60 -41.97
N THR D 299 -11.40 -15.62 -42.77
CA THR D 299 -10.27 -15.55 -43.73
C THR D 299 -10.76 -15.27 -45.17
N SER D 300 -11.75 -14.37 -45.27
CA SER D 300 -12.40 -14.00 -46.52
C SER D 300 -12.61 -12.49 -46.59
N THR D 306 -22.01 -8.35 -41.92
CA THR D 306 -21.81 -8.81 -40.55
C THR D 306 -22.97 -9.69 -40.09
N TRP D 307 -24.19 -9.20 -40.25
CA TRP D 307 -25.40 -9.93 -39.80
C TRP D 307 -25.65 -11.28 -40.49
N GLU D 308 -25.13 -11.42 -41.70
CA GLU D 308 -25.26 -12.66 -42.46
C GLU D 308 -24.26 -13.69 -41.94
N PHE D 309 -23.15 -13.19 -41.42
CA PHE D 309 -22.15 -14.03 -40.78
C PHE D 309 -22.65 -14.64 -39.46
N LEU D 310 -23.42 -13.85 -38.69
CA LEU D 310 -23.88 -14.26 -37.35
C LEU D 310 -25.08 -15.16 -37.43
N ARG D 311 -25.92 -14.89 -38.43
CA ARG D 311 -26.97 -15.81 -38.87
C ARG D 311 -26.31 -17.12 -39.24
N LEU D 312 -25.30 -17.06 -40.09
CA LEU D 312 -24.56 -18.28 -40.50
C LEU D 312 -24.05 -19.09 -39.32
N ILE D 313 -23.43 -18.41 -38.35
CA ILE D 313 -22.93 -19.08 -37.15
C ILE D 313 -24.06 -19.70 -36.30
N LEU D 314 -25.22 -19.04 -36.27
CA LEU D 314 -26.36 -19.57 -35.48
C LEU D 314 -27.03 -20.78 -36.11
N ASP D 315 -27.16 -20.72 -37.44
CA ASP D 315 -27.65 -21.83 -38.25
C ASP D 315 -26.85 -23.09 -38.00
N LEU D 316 -25.53 -23.02 -38.19
CA LEU D 316 -24.61 -24.16 -37.99
C LEU D 316 -24.58 -24.66 -36.55
N SER D 317 -24.80 -23.74 -35.61
CA SER D 317 -24.87 -24.09 -34.20
C SER D 317 -26.14 -24.89 -33.88
N MET D 318 -27.28 -24.47 -34.43
CA MET D 318 -28.54 -25.22 -34.30
C MET D 318 -28.45 -26.60 -34.93
N LYS D 319 -27.78 -26.66 -36.08
CA LYS D 319 -27.50 -27.92 -36.75
C LYS D 319 -26.98 -29.03 -35.83
N VAL D 320 -26.04 -28.67 -34.96
CA VAL D 320 -25.36 -29.67 -34.11
C VAL D 320 -25.81 -29.55 -32.64
N LEU D 321 -26.96 -28.93 -32.42
CA LEU D 321 -27.58 -28.85 -31.09
C LEU D 321 -28.79 -29.80 -30.99
N LYS D 322 -28.83 -30.58 -29.91
CA LYS D 322 -29.96 -31.49 -29.68
C LYS D 322 -31.26 -30.72 -29.63
N GLN D 323 -32.35 -31.42 -29.94
CA GLN D 323 -33.69 -30.86 -29.84
C GLN D 323 -33.90 -30.31 -28.43
N ASP D 324 -33.44 -31.04 -27.40
CA ASP D 324 -33.64 -30.64 -25.98
C ASP D 324 -32.46 -29.88 -25.30
N GLY D 325 -31.55 -29.34 -26.11
CA GLY D 325 -30.39 -28.64 -25.58
C GLY D 325 -30.56 -27.15 -25.53
N LYS D 326 -29.49 -26.45 -25.19
CA LYS D 326 -29.48 -25.00 -25.07
C LYS D 326 -28.19 -24.40 -25.69
N TYR D 327 -28.36 -23.24 -26.31
CA TYR D 327 -27.29 -22.47 -26.90
C TYR D 327 -27.09 -21.21 -26.04
N PHE D 328 -25.86 -20.93 -25.65
CA PHE D 328 -25.55 -19.74 -24.81
C PHE D 328 -24.58 -18.81 -25.52
N THR D 329 -24.80 -17.52 -25.46
CA THR D 329 -23.87 -16.60 -26.08
C THR D 329 -23.92 -15.22 -25.42
N GLN D 330 -22.89 -14.45 -25.69
CA GLN D 330 -22.87 -13.07 -25.28
C GLN D 330 -23.57 -12.23 -26.37
N GLY D 331 -24.50 -11.38 -25.95
CA GLY D 331 -25.20 -10.56 -26.91
C GLY D 331 -24.45 -9.31 -27.27
N ASN D 332 -24.57 -8.32 -26.41
CA ASN D 332 -23.94 -7.04 -26.60
C ASN D 332 -24.20 -6.23 -25.33
N CYS D 333 -23.76 -4.97 -25.31
CA CYS D 333 -24.15 -4.12 -24.20
C CYS D 333 -25.60 -3.68 -24.36
N VAL D 334 -26.20 -3.44 -23.19
CA VAL D 334 -27.61 -3.09 -23.01
C VAL D 334 -28.05 -1.91 -23.87
N ASN D 335 -27.16 -0.92 -24.03
CA ASN D 335 -27.41 0.30 -24.81
C ASN D 335 -27.45 0.18 -26.34
N LEU D 336 -26.78 -0.83 -26.89
CA LEU D 336 -26.80 -1.04 -28.36
C LEU D 336 -28.09 -1.77 -28.77
N THR D 337 -29.20 -1.09 -28.53
CA THR D 337 -30.54 -1.61 -28.76
C THR D 337 -30.80 -1.95 -30.22
N GLU D 338 -30.32 -1.12 -31.13
CA GLU D 338 -30.47 -1.43 -32.57
C GLU D 338 -29.75 -2.74 -32.89
N ALA D 339 -28.49 -2.85 -32.44
CA ALA D 339 -27.68 -4.06 -32.67
C ALA D 339 -28.34 -5.26 -32.00
N LEU D 340 -28.80 -5.10 -30.77
CA LEU D 340 -29.53 -6.21 -30.13
C LEU D 340 -30.80 -6.62 -30.90
N SER D 341 -31.54 -5.63 -31.40
CA SER D 341 -32.75 -5.88 -32.17
C SER D 341 -32.42 -6.63 -33.46
N LEU D 342 -31.45 -6.13 -34.21
CA LEU D 342 -31.00 -6.82 -35.42
C LEU D 342 -30.49 -8.24 -35.16
N TYR D 343 -29.93 -8.48 -33.96
CA TYR D 343 -29.50 -9.83 -33.58
C TYR D 343 -30.71 -10.73 -33.35
N GLU D 344 -31.75 -10.16 -32.77
CA GLU D 344 -32.98 -10.90 -32.51
C GLU D 344 -33.70 -11.25 -33.82
N GLU D 345 -33.65 -10.31 -34.77
CA GLU D 345 -34.16 -10.53 -36.12
C GLU D 345 -33.54 -11.77 -36.75
N GLN D 346 -32.25 -12.01 -36.51
CA GLN D 346 -31.57 -13.22 -36.99
C GLN D 346 -32.06 -14.52 -36.35
N LEU D 347 -32.46 -14.46 -35.08
CA LEU D 347 -33.01 -15.66 -34.45
C LEU D 347 -34.34 -16.01 -35.14
N GLY D 348 -34.94 -15.01 -35.81
CA GLY D 348 -36.17 -15.20 -36.57
C GLY D 348 -35.90 -15.74 -37.98
N ARG D 349 -34.68 -15.54 -38.47
CA ARG D 349 -34.28 -15.89 -39.83
C ARG D 349 -33.43 -17.17 -39.89
N LEU D 350 -33.68 -18.09 -38.96
CA LEU D 350 -32.92 -19.34 -38.96
C LEU D 350 -33.63 -20.46 -39.73
N TYR D 351 -33.02 -21.65 -39.77
CA TYR D 351 -33.63 -22.78 -40.50
C TYR D 351 -34.78 -23.43 -39.73
N CYS D 352 -34.81 -23.21 -38.42
CA CYS D 352 -35.82 -23.83 -37.58
C CYS D 352 -36.33 -22.77 -36.62
N PRO D 353 -37.62 -22.84 -36.24
CA PRO D 353 -37.99 -21.75 -35.33
C PRO D 353 -37.27 -21.94 -33.98
N VAL D 354 -36.86 -20.83 -33.36
CA VAL D 354 -36.18 -20.86 -32.07
C VAL D 354 -36.87 -19.94 -31.08
N GLU D 355 -36.89 -20.34 -29.82
CA GLU D 355 -37.20 -19.40 -28.72
C GLU D 355 -35.92 -19.00 -27.95
N PHE D 356 -35.88 -17.78 -27.40
CA PHE D 356 -34.73 -17.26 -26.64
C PHE D 356 -35.12 -16.48 -25.38
N SER D 357 -34.15 -16.30 -24.49
CA SER D 357 -34.29 -15.38 -23.36
C SER D 357 -32.97 -14.70 -23.06
N LYS D 358 -33.05 -13.57 -22.34
CA LYS D 358 -31.86 -12.78 -22.10
C LYS D 358 -31.78 -12.32 -20.65
N GLU D 359 -30.56 -12.12 -20.16
CA GLU D 359 -30.39 -11.44 -18.88
C GLU D 359 -29.30 -10.37 -18.92
N ILE D 360 -29.51 -9.32 -18.14
CA ILE D 360 -28.53 -8.24 -18.02
C ILE D 360 -27.54 -8.58 -16.89
N VAL D 361 -26.25 -8.39 -17.19
CA VAL D 361 -25.20 -8.86 -16.29
C VAL D 361 -24.12 -7.82 -16.12
N CYS D 362 -23.69 -7.65 -14.86
CA CYS D 362 -22.57 -6.75 -14.55
C CYS D 362 -21.25 -7.48 -14.63
N VAL D 363 -20.53 -7.21 -15.71
CA VAL D 363 -19.19 -7.76 -15.88
C VAL D 363 -18.15 -6.72 -15.52
N PRO D 364 -17.48 -6.89 -14.35
CA PRO D 364 -16.70 -5.80 -13.71
C PRO D 364 -15.83 -4.96 -14.66
N SER D 365 -15.00 -5.60 -15.50
CA SER D 365 -14.10 -4.81 -16.35
C SER D 365 -14.82 -4.24 -17.58
N TYR D 366 -16.04 -4.68 -17.84
CA TYR D 366 -16.74 -4.17 -19.05
C TYR D 366 -17.05 -2.68 -18.98
N LEU D 367 -17.47 -2.20 -17.80
CA LEU D 367 -17.80 -0.78 -17.63
C LEU D 367 -19.08 -0.38 -18.38
N GLU D 368 -19.91 -1.39 -18.67
CA GLU D 368 -21.24 -1.18 -19.26
C GLU D 368 -21.95 -2.49 -19.05
N LEU D 369 -23.24 -2.44 -18.73
CA LEU D 369 -23.96 -3.69 -18.51
C LEU D 369 -24.06 -4.49 -19.81
N TRP D 370 -24.19 -5.80 -19.68
CA TRP D 370 -24.09 -6.71 -20.81
C TRP D 370 -25.22 -7.70 -20.83
N VAL D 371 -25.73 -7.98 -22.05
CA VAL D 371 -26.80 -8.93 -22.25
C VAL D 371 -26.24 -10.30 -22.71
N PHE D 372 -26.77 -11.36 -22.13
CA PHE D 372 -26.43 -12.73 -22.50
C PHE D 372 -27.69 -13.49 -22.90
N TYR D 373 -27.63 -14.12 -24.08
CA TYR D 373 -28.72 -14.94 -24.60
C TYR D 373 -28.66 -16.42 -24.23
N THR D 374 -29.84 -16.97 -23.97
CA THR D 374 -30.09 -18.42 -23.98
C THR D 374 -31.08 -18.77 -25.13
N VAL D 375 -30.75 -19.80 -25.90
CA VAL D 375 -31.53 -20.12 -27.10
C VAL D 375 -31.80 -21.62 -27.18
N TRP D 376 -33.00 -21.95 -27.64
CA TRP D 376 -33.44 -23.32 -27.78
C TRP D 376 -34.43 -23.47 -28.95
N LYS D 377 -34.40 -24.63 -29.59
CA LYS D 377 -35.33 -24.93 -30.67
C LYS D 377 -36.78 -24.93 -30.15
N LYS D 378 -37.69 -24.34 -30.92
CA LYS D 378 -39.11 -24.37 -30.57
C LYS D 378 -39.54 -25.83 -30.63
N ALA D 379 -40.33 -26.22 -29.64
CA ALA D 379 -40.74 -27.62 -29.42
C ALA D 379 -41.29 -28.34 -30.66
#